data_1HA8
#
_entry.id   1HA8
#
_cell.length_a   1.000
_cell.length_b   1.000
_cell.length_c   1.000
_cell.angle_alpha   90.00
_cell.angle_beta   90.00
_cell.angle_gamma   90.00
#
_symmetry.space_group_name_H-M   'P 1'
#
_entity_poly.entity_id   1
_entity_poly.type   'polypeptide(L)'
_entity_poly.pdbx_seq_one_letter_code
;GECEQCFSDGGDCTTCFNNGTGPCANCLAGYPAGCSNSDCTAFLSQCYGGC
;
_entity_poly.pdbx_strand_id   A
#
# COMPACT_ATOMS: atom_id res chain seq x y z
N GLY A 1 5.05 -10.32 -1.44
CA GLY A 1 4.73 -8.90 -1.27
C GLY A 1 4.00 -8.69 0.04
N GLU A 2 4.48 -7.82 0.91
CA GLU A 2 3.88 -7.62 2.23
C GLU A 2 2.53 -6.94 2.11
N CYS A 3 2.47 -5.98 1.20
CA CYS A 3 1.30 -5.17 0.98
C CYS A 3 0.29 -6.00 0.18
N GLU A 4 0.78 -6.76 -0.80
CA GLU A 4 -0.01 -7.75 -1.52
C GLU A 4 -0.61 -8.79 -0.57
N GLN A 5 0.14 -9.31 0.42
CA GLN A 5 -0.38 -10.28 1.39
C GLN A 5 -1.57 -9.69 2.12
N CYS A 6 -1.42 -8.46 2.61
CA CYS A 6 -2.46 -7.75 3.34
C CYS A 6 -3.71 -7.56 2.45
N PHE A 7 -3.49 -7.24 1.17
CA PHE A 7 -4.55 -7.13 0.18
C PHE A 7 -5.29 -8.45 0.00
N SER A 8 -4.57 -9.56 -0.18
CA SER A 8 -5.20 -10.87 -0.30
C SER A 8 -6.00 -11.21 0.96
N ASP A 9 -5.55 -10.80 2.15
CA ASP A 9 -6.25 -10.94 3.42
C ASP A 9 -7.34 -9.86 3.62
N GLY A 10 -8.02 -9.51 2.52
CA GLY A 10 -9.19 -8.65 2.47
C GLY A 10 -8.92 -7.20 2.83
N GLY A 11 -7.67 -6.79 3.08
CA GLY A 11 -7.38 -5.45 3.55
C GLY A 11 -7.45 -4.44 2.42
N ASP A 12 -7.92 -3.22 2.71
CA ASP A 12 -7.95 -2.10 1.75
C ASP A 12 -6.78 -1.16 2.07
N CYS A 13 -7.01 -0.11 2.86
CA CYS A 13 -6.09 0.99 3.05
C CYS A 13 -5.84 1.17 4.54
N THR A 14 -6.88 1.56 5.30
CA THR A 14 -6.78 1.73 6.74
C THR A 14 -6.34 0.42 7.39
N THR A 15 -7.04 -0.67 7.07
CA THR A 15 -6.88 -1.97 7.70
C THR A 15 -5.67 -2.73 7.14
N CYS A 16 -4.60 -2.02 6.82
CA CYS A 16 -3.28 -2.47 6.43
C CYS A 16 -2.33 -1.39 6.90
N PHE A 17 -2.54 -0.11 6.56
CA PHE A 17 -1.71 1.00 7.01
C PHE A 17 -1.47 1.01 8.52
N ASN A 18 -2.51 0.72 9.32
CA ASN A 18 -2.41 0.50 10.77
C ASN A 18 -1.77 1.70 11.48
N ASN A 19 -2.03 2.90 10.97
CA ASN A 19 -1.32 4.12 11.29
C ASN A 19 0.20 4.02 11.31
N GLY A 20 0.78 3.70 10.14
CA GLY A 20 2.18 4.00 9.83
C GLY A 20 3.15 2.90 10.21
N THR A 21 2.65 1.76 10.69
CA THR A 21 3.45 0.59 11.07
C THR A 21 3.13 -0.63 10.19
N GLY A 22 2.13 -0.52 9.30
CA GLY A 22 1.64 -1.59 8.46
C GLY A 22 2.58 -2.00 7.31
N PRO A 23 2.13 -2.91 6.43
CA PRO A 23 2.92 -3.38 5.30
C PRO A 23 3.03 -2.28 4.24
N CYS A 24 1.91 -1.91 3.61
CA CYS A 24 1.83 -0.66 2.86
C CYS A 24 1.76 0.48 3.87
N ALA A 25 2.90 0.85 4.46
CA ALA A 25 3.04 2.02 5.31
C ALA A 25 4.09 2.96 4.76
N ASN A 26 5.31 2.48 4.49
CA ASN A 26 6.29 3.33 3.81
C ASN A 26 5.83 3.70 2.41
N CYS A 27 4.99 2.86 1.77
CA CYS A 27 4.36 3.16 0.49
C CYS A 27 3.42 4.38 0.55
N LEU A 28 3.29 5.11 1.67
CA LEU A 28 2.26 6.14 1.85
C LEU A 28 2.90 7.52 1.96
N ALA A 29 3.79 7.69 2.94
CA ALA A 29 4.47 8.94 3.19
C ALA A 29 5.50 9.13 2.08
N GLY A 30 6.60 8.39 2.15
CA GLY A 30 7.65 8.45 1.17
C GLY A 30 7.31 7.56 -0.02
N TYR A 31 6.32 7.93 -0.83
CA TYR A 31 5.87 7.06 -1.91
C TYR A 31 6.03 7.65 -3.32
N PRO A 32 7.22 8.18 -3.69
CA PRO A 32 7.37 8.79 -5.00
C PRO A 32 7.52 7.68 -6.05
N ALA A 33 8.17 6.58 -5.66
CA ALA A 33 8.43 5.40 -6.45
C ALA A 33 7.35 4.33 -6.25
N GLY A 34 6.32 4.58 -5.44
CA GLY A 34 5.39 3.53 -5.02
C GLY A 34 4.49 3.04 -6.15
N CYS A 35 4.23 3.87 -7.16
CA CYS A 35 3.42 3.54 -8.32
C CYS A 35 4.24 2.73 -9.35
N SER A 36 5.50 3.09 -9.55
CA SER A 36 6.46 2.39 -10.42
C SER A 36 6.96 1.08 -9.81
N ASN A 37 6.52 0.82 -8.57
CA ASN A 37 6.77 -0.40 -7.82
C ASN A 37 5.85 -1.50 -8.34
N SER A 38 5.75 -2.66 -7.67
CA SER A 38 4.58 -3.52 -7.79
C SER A 38 3.90 -3.76 -6.44
N ASP A 39 4.62 -4.12 -5.37
CA ASP A 39 4.02 -4.58 -4.11
C ASP A 39 3.13 -3.48 -3.49
N CYS A 40 3.57 -2.23 -3.58
CA CYS A 40 2.82 -1.06 -3.12
C CYS A 40 1.68 -0.73 -4.08
N THR A 41 1.88 -1.00 -5.36
CA THR A 41 1.25 -0.28 -6.44
C THR A 41 -0.25 -0.49 -6.48
N ALA A 42 -0.73 -1.73 -6.33
CA ALA A 42 -2.15 -1.97 -6.50
C ALA A 42 -2.92 -1.26 -5.38
N PHE A 43 -2.40 -1.39 -4.15
CA PHE A 43 -2.87 -0.64 -3.00
C PHE A 43 -2.93 0.84 -3.37
N LEU A 44 -1.83 1.45 -3.83
CA LEU A 44 -1.86 2.88 -4.09
C LEU A 44 -2.81 3.26 -5.21
N SER A 45 -2.94 2.42 -6.24
CA SER A 45 -3.89 2.53 -7.34
C SER A 45 -5.31 2.73 -6.79
N GLN A 46 -5.70 1.97 -5.77
CA GLN A 46 -6.88 2.26 -4.97
C GLN A 46 -6.61 3.53 -4.15
N CYS A 47 -5.87 3.42 -3.04
CA CYS A 47 -5.83 4.34 -1.89
C CYS A 47 -5.40 5.78 -2.21
N TYR A 48 -4.75 6.02 -3.35
CA TYR A 48 -4.28 7.34 -3.79
C TYR A 48 -4.67 7.67 -5.23
N GLY A 49 -5.03 6.66 -6.03
CA GLY A 49 -5.17 6.77 -7.48
C GLY A 49 -4.03 6.10 -8.23
N GLY A 50 -2.91 5.82 -7.55
CA GLY A 50 -1.72 5.24 -8.17
C GLY A 50 -1.04 6.30 -9.01
N CYS A 51 -0.59 7.37 -8.35
CA CYS A 51 -0.06 8.56 -8.97
C CYS A 51 -1.04 9.08 -10.02
N GLY A 1 5.72 -9.86 -1.04
CA GLY A 1 4.98 -8.64 -0.77
C GLY A 1 4.13 -8.75 0.47
N GLU A 2 4.54 -8.10 1.57
CA GLU A 2 3.69 -7.95 2.75
C GLU A 2 2.43 -7.16 2.37
N CYS A 3 2.59 -6.16 1.51
CA CYS A 3 1.49 -5.31 1.09
C CYS A 3 0.47 -6.10 0.25
N GLU A 4 0.94 -7.01 -0.60
CA GLU A 4 0.09 -7.85 -1.43
C GLU A 4 -0.56 -8.95 -0.59
N GLN A 5 0.14 -9.49 0.42
CA GLN A 5 -0.39 -10.45 1.39
C GLN A 5 -1.54 -9.81 2.16
N CYS A 6 -1.35 -8.58 2.64
CA CYS A 6 -2.39 -7.86 3.36
C CYS A 6 -3.63 -7.66 2.48
N PHE A 7 -3.41 -7.29 1.21
CA PHE A 7 -4.50 -7.22 0.24
C PHE A 7 -5.24 -8.56 0.14
N SER A 8 -4.48 -9.65 0.05
CA SER A 8 -5.02 -11.00 -0.03
C SER A 8 -5.77 -11.42 1.26
N ASP A 9 -5.63 -10.68 2.35
CA ASP A 9 -6.40 -10.86 3.59
C ASP A 9 -7.45 -9.74 3.73
N GLY A 10 -8.04 -9.38 2.60
CA GLY A 10 -9.10 -8.39 2.45
C GLY A 10 -8.61 -7.01 2.85
N GLY A 11 -7.53 -6.56 2.21
CA GLY A 11 -6.94 -5.24 2.40
C GLY A 11 -7.44 -4.28 1.32
N ASP A 12 -7.67 -3.02 1.68
CA ASP A 12 -8.03 -1.91 0.80
C ASP A 12 -6.96 -0.80 0.85
N CYS A 13 -6.81 -0.18 2.02
CA CYS A 13 -5.91 0.91 2.33
C CYS A 13 -5.83 1.02 3.84
N THR A 14 -6.92 1.44 4.49
CA THR A 14 -6.92 1.66 5.92
C THR A 14 -6.75 0.35 6.66
N THR A 15 -7.40 -0.74 6.23
CA THR A 15 -7.30 -2.03 6.91
C THR A 15 -5.96 -2.72 6.52
N CYS A 16 -4.87 -1.97 6.35
CA CYS A 16 -3.48 -2.39 6.22
C CYS A 16 -2.64 -1.28 6.83
N PHE A 17 -2.78 -0.02 6.41
CA PHE A 17 -1.85 1.08 6.75
C PHE A 17 -1.54 1.16 8.24
N ASN A 18 -2.55 0.93 9.07
CA ASN A 18 -2.45 0.86 10.53
C ASN A 18 -2.10 2.19 11.20
N ASN A 19 -1.78 3.24 10.42
CA ASN A 19 -1.15 4.51 10.79
C ASN A 19 0.36 4.34 10.93
N GLY A 20 0.99 3.94 9.81
CA GLY A 20 2.41 4.15 9.57
C GLY A 20 3.31 3.05 10.15
N THR A 21 2.75 1.92 10.58
CA THR A 21 3.49 0.73 10.98
C THR A 21 3.04 -0.53 10.19
N GLY A 22 1.99 -0.42 9.37
CA GLY A 22 1.41 -1.52 8.61
C GLY A 22 2.31 -2.09 7.50
N PRO A 23 1.81 -3.09 6.74
CA PRO A 23 2.58 -3.79 5.73
C PRO A 23 2.83 -2.88 4.53
N CYS A 24 1.78 -2.30 3.94
CA CYS A 24 1.91 -1.11 3.12
C CYS A 24 1.84 0.08 4.07
N ALA A 25 2.99 0.51 4.58
CA ALA A 25 3.14 1.77 5.30
C ALA A 25 4.17 2.63 4.60
N ASN A 26 5.38 2.13 4.38
CA ASN A 26 6.45 2.96 3.82
C ASN A 26 6.16 3.33 2.37
N CYS A 27 5.27 2.60 1.68
CA CYS A 27 4.75 2.97 0.36
C CYS A 27 3.90 4.25 0.40
N LEU A 28 3.75 4.97 1.52
CA LEU A 28 2.72 6.00 1.69
C LEU A 28 3.38 7.37 1.79
N ALA A 29 4.09 7.60 2.89
CA ALA A 29 4.61 8.89 3.31
C ALA A 29 5.40 9.56 2.20
N GLY A 30 6.50 8.94 1.78
CA GLY A 30 7.28 9.37 0.64
C GLY A 30 7.16 8.30 -0.42
N TYR A 31 6.17 8.43 -1.31
CA TYR A 31 5.92 7.40 -2.31
C TYR A 31 5.94 7.86 -3.78
N PRO A 32 6.96 8.61 -4.22
CA PRO A 32 6.97 9.11 -5.59
C PRO A 32 7.44 8.03 -6.57
N ALA A 33 7.93 6.91 -6.04
CA ALA A 33 8.37 5.72 -6.73
C ALA A 33 7.58 4.49 -6.24
N GLY A 34 6.63 4.65 -5.32
CA GLY A 34 5.84 3.51 -4.84
C GLY A 34 4.85 3.07 -5.91
N CYS A 35 4.26 4.01 -6.65
CA CYS A 35 3.32 3.72 -7.74
C CYS A 35 3.93 2.91 -8.89
N SER A 36 5.27 2.77 -8.96
CA SER A 36 5.92 1.97 -9.97
C SER A 36 6.39 0.63 -9.39
N ASN A 37 6.46 0.53 -8.07
CA ASN A 37 6.69 -0.72 -7.35
C ASN A 37 5.38 -1.47 -7.27
N SER A 38 5.10 -2.39 -8.20
CA SER A 38 3.87 -3.17 -8.25
C SER A 38 3.48 -3.81 -6.91
N ASP A 39 4.46 -4.11 -6.05
CA ASP A 39 4.28 -4.57 -4.68
C ASP A 39 3.43 -3.61 -3.84
N CYS A 40 3.59 -2.30 -4.07
CA CYS A 40 2.84 -1.21 -3.46
C CYS A 40 1.65 -0.81 -4.34
N THR A 41 1.77 -0.90 -5.66
CA THR A 41 0.88 -0.24 -6.63
C THR A 41 -0.60 -0.60 -6.49
N ALA A 42 -0.98 -1.86 -6.25
CA ALA A 42 -2.39 -2.23 -6.22
C ALA A 42 -3.08 -1.64 -4.99
N PHE A 43 -2.37 -1.64 -3.87
CA PHE A 43 -2.74 -0.91 -2.69
C PHE A 43 -2.83 0.58 -3.04
N LEU A 44 -1.77 1.18 -3.59
CA LEU A 44 -1.74 2.61 -3.82
C LEU A 44 -2.80 3.10 -4.81
N SER A 45 -3.23 2.25 -5.74
CA SER A 45 -4.34 2.51 -6.64
C SER A 45 -5.60 2.85 -5.83
N GLN A 46 -5.91 2.02 -4.82
CA GLN A 46 -7.06 2.19 -3.93
C GLN A 46 -6.81 3.25 -2.86
N CYS A 47 -5.60 3.29 -2.27
CA CYS A 47 -5.33 4.08 -1.09
C CYS A 47 -5.07 5.55 -1.43
N TYR A 48 -4.61 5.82 -2.65
CA TYR A 48 -4.33 7.13 -3.17
C TYR A 48 -5.07 7.24 -4.49
N GLY A 49 -4.44 6.79 -5.57
CA GLY A 49 -4.87 6.95 -6.95
C GLY A 49 -3.83 6.43 -7.95
N GLY A 50 -2.68 5.91 -7.50
CA GLY A 50 -1.60 5.43 -8.35
C GLY A 50 -0.76 6.56 -8.94
N CYS A 51 -0.55 7.61 -8.15
CA CYS A 51 0.14 8.87 -8.41
C CYS A 51 -0.65 9.69 -9.40
N GLY A 1 5.71 -10.05 -1.17
CA GLY A 1 5.33 -8.64 -0.98
C GLY A 1 4.34 -8.53 0.14
N GLU A 2 4.67 -7.71 1.13
CA GLU A 2 3.87 -7.49 2.33
C GLU A 2 2.52 -6.87 2.00
N CYS A 3 2.50 -5.97 1.00
CA CYS A 3 1.32 -5.18 0.72
C CYS A 3 0.31 -6.03 -0.03
N GLU A 4 0.78 -6.86 -0.97
CA GLU A 4 0.00 -7.91 -1.60
C GLU A 4 -0.53 -8.89 -0.54
N GLN A 5 0.30 -9.32 0.42
CA GLN A 5 -0.10 -10.29 1.43
C GLN A 5 -1.16 -9.73 2.37
N CYS A 6 -1.13 -8.44 2.64
CA CYS A 6 -2.18 -7.79 3.39
C CYS A 6 -3.46 -7.68 2.56
N PHE A 7 -3.37 -7.47 1.24
CA PHE A 7 -4.53 -7.58 0.35
C PHE A 7 -5.12 -9.00 0.38
N SER A 8 -4.28 -10.03 0.42
CA SER A 8 -4.63 -11.42 0.71
C SER A 8 -5.10 -11.65 2.16
N ASP A 9 -5.17 -10.62 2.99
CA ASP A 9 -5.89 -10.62 4.26
C ASP A 9 -7.08 -9.65 4.24
N GLY A 10 -7.75 -9.56 3.08
CA GLY A 10 -8.87 -8.67 2.86
C GLY A 10 -8.50 -7.19 2.87
N GLY A 11 -7.22 -6.87 2.81
CA GLY A 11 -6.66 -5.52 2.80
C GLY A 11 -7.28 -4.66 1.72
N ASP A 12 -7.53 -3.38 2.04
CA ASP A 12 -7.95 -2.35 1.11
C ASP A 12 -6.91 -1.22 1.15
N CYS A 13 -7.06 -0.29 2.09
CA CYS A 13 -6.26 0.90 2.28
C CYS A 13 -6.21 1.11 3.79
N THR A 14 -7.37 1.36 4.41
CA THR A 14 -7.45 1.48 5.86
C THR A 14 -7.02 0.17 6.54
N THR A 15 -7.52 -1.01 6.15
CA THR A 15 -7.28 -2.21 6.96
C THR A 15 -5.91 -2.86 6.64
N CYS A 16 -4.88 -2.04 6.37
CA CYS A 16 -3.49 -2.43 6.17
C CYS A 16 -2.61 -1.34 6.74
N PHE A 17 -2.84 -0.04 6.50
CA PHE A 17 -1.92 1.03 6.87
C PHE A 17 -1.47 1.03 8.36
N ASN A 18 -2.32 0.59 9.30
CA ASN A 18 -2.04 0.51 10.75
C ASN A 18 -1.68 1.84 11.40
N ASN A 19 -1.89 2.95 10.69
CA ASN A 19 -1.32 4.26 11.01
C ASN A 19 0.20 4.21 11.00
N GLY A 20 0.77 3.88 9.84
CA GLY A 20 2.17 4.11 9.51
C GLY A 20 3.13 2.99 9.91
N THR A 21 2.61 1.89 10.47
CA THR A 21 3.34 0.71 10.92
C THR A 21 2.86 -0.57 10.22
N GLY A 22 1.92 -0.43 9.26
CA GLY A 22 1.40 -1.50 8.44
C GLY A 22 2.37 -1.95 7.34
N PRO A 23 1.93 -2.89 6.48
CA PRO A 23 2.77 -3.41 5.41
C PRO A 23 2.90 -2.33 4.32
N CYS A 24 1.80 -2.00 3.64
CA CYS A 24 1.72 -0.78 2.84
C CYS A 24 1.61 0.40 3.81
N ALA A 25 2.74 0.79 4.39
CA ALA A 25 2.85 1.99 5.20
C ALA A 25 3.92 2.90 4.63
N ASN A 26 5.15 2.40 4.46
CA ASN A 26 6.20 3.18 3.81
C ASN A 26 5.96 3.35 2.30
N CYS A 27 5.02 2.59 1.70
CA CYS A 27 4.48 2.92 0.39
C CYS A 27 3.59 4.17 0.42
N LEU A 28 3.49 4.93 1.52
CA LEU A 28 2.56 6.05 1.65
C LEU A 28 3.32 7.36 1.70
N ALA A 29 4.06 7.61 2.78
CA ALA A 29 4.66 8.91 3.04
C ALA A 29 5.73 9.21 1.99
N GLY A 30 6.88 8.53 2.08
CA GLY A 30 7.90 8.57 1.07
C GLY A 30 7.56 7.57 -0.01
N TYR A 31 6.56 7.88 -0.84
CA TYR A 31 6.18 7.00 -1.96
C TYR A 31 6.36 7.61 -3.35
N PRO A 32 7.51 8.19 -3.71
CA PRO A 32 7.65 8.83 -5.02
C PRO A 32 7.83 7.80 -6.14
N ALA A 33 8.10 6.54 -5.78
CA ALA A 33 8.23 5.38 -6.65
C ALA A 33 7.13 4.36 -6.41
N GLY A 34 6.19 4.62 -5.49
CA GLY A 34 5.22 3.64 -5.01
C GLY A 34 4.39 3.04 -6.15
N CYS A 35 3.94 3.86 -7.09
CA CYS A 35 3.23 3.41 -8.29
C CYS A 35 4.05 2.48 -9.19
N SER A 36 5.37 2.45 -9.04
CA SER A 36 6.26 1.56 -9.77
C SER A 36 6.56 0.30 -8.95
N ASN A 37 6.36 0.36 -7.62
CA ASN A 37 6.57 -0.74 -6.70
C ASN A 37 5.36 -1.64 -6.86
N SER A 38 5.40 -2.63 -7.75
CA SER A 38 4.29 -3.54 -8.02
C SER A 38 3.74 -4.30 -6.80
N ASP A 39 4.47 -4.40 -5.68
CA ASP A 39 3.92 -4.88 -4.39
C ASP A 39 2.86 -3.91 -3.86
N CYS A 40 3.11 -2.60 -4.00
CA CYS A 40 2.34 -1.51 -3.42
C CYS A 40 1.40 -0.85 -4.42
N THR A 41 1.64 -1.06 -5.72
CA THR A 41 0.97 -0.39 -6.82
C THR A 41 -0.55 -0.45 -6.67
N ALA A 42 -1.14 -1.64 -6.53
CA ALA A 42 -2.60 -1.77 -6.53
C ALA A 42 -3.23 -1.23 -5.25
N PHE A 43 -2.50 -1.28 -4.13
CA PHE A 43 -2.91 -0.56 -2.94
C PHE A 43 -2.96 0.93 -3.28
N LEU A 44 -1.86 1.52 -3.75
CA LEU A 44 -1.80 2.97 -3.98
C LEU A 44 -2.75 3.45 -5.07
N SER A 45 -2.96 2.65 -6.11
CA SER A 45 -3.97 2.84 -7.15
C SER A 45 -5.37 3.04 -6.54
N GLN A 46 -5.62 2.55 -5.33
CA GLN A 46 -6.83 2.73 -4.55
C GLN A 46 -6.62 3.84 -3.49
N CYS A 47 -5.68 3.67 -2.55
CA CYS A 47 -5.42 4.56 -1.41
C CYS A 47 -4.90 5.97 -1.79
N TYR A 48 -4.52 6.19 -3.05
CA TYR A 48 -4.06 7.46 -3.63
C TYR A 48 -4.70 7.77 -4.98
N GLY A 49 -5.31 6.79 -5.63
CA GLY A 49 -5.79 6.91 -7.01
C GLY A 49 -4.69 6.68 -8.03
N GLY A 50 -3.44 6.52 -7.58
CA GLY A 50 -2.25 6.57 -8.41
C GLY A 50 -1.65 7.97 -8.37
N CYS A 51 -0.37 8.06 -8.04
CA CYS A 51 0.48 9.25 -8.16
C CYS A 51 0.59 9.79 -9.59
N GLY A 1 6.75 -10.30 -0.23
CA GLY A 1 5.40 -9.77 -0.40
C GLY A 1 4.78 -9.46 0.95
N GLU A 2 4.58 -8.19 1.25
CA GLU A 2 3.99 -7.71 2.49
C GLU A 2 2.69 -6.97 2.19
N CYS A 3 2.76 -5.93 1.35
CA CYS A 3 1.62 -5.14 0.98
C CYS A 3 0.61 -6.07 0.29
N GLU A 4 1.03 -6.78 -0.75
CA GLU A 4 0.16 -7.75 -1.43
C GLU A 4 -0.43 -8.78 -0.47
N GLN A 5 0.33 -9.25 0.54
CA GLN A 5 -0.15 -10.27 1.47
C GLN A 5 -1.22 -9.75 2.43
N CYS A 6 -1.21 -8.45 2.74
CA CYS A 6 -2.31 -7.80 3.45
C CYS A 6 -3.54 -7.73 2.56
N PHE A 7 -3.35 -7.34 1.30
CA PHE A 7 -4.42 -7.34 0.32
C PHE A 7 -5.04 -8.73 0.21
N SER A 8 -4.26 -9.81 0.27
CA SER A 8 -4.77 -11.18 0.25
C SER A 8 -5.71 -11.49 1.41
N ASP A 9 -5.56 -10.80 2.55
CA ASP A 9 -6.29 -11.10 3.78
C ASP A 9 -7.16 -9.90 4.19
N GLY A 10 -7.77 -9.24 3.20
CA GLY A 10 -8.85 -8.28 3.41
C GLY A 10 -8.47 -6.82 3.20
N GLY A 11 -7.25 -6.53 2.71
CA GLY A 11 -6.82 -5.16 2.49
C GLY A 11 -7.63 -4.47 1.40
N ASP A 12 -7.99 -3.20 1.62
CA ASP A 12 -8.53 -2.28 0.62
C ASP A 12 -7.69 -1.01 0.49
N CYS A 13 -7.34 -0.42 1.63
CA CYS A 13 -6.39 0.67 1.86
C CYS A 13 -6.32 0.87 3.36
N THR A 14 -7.41 1.38 3.95
CA THR A 14 -7.50 1.77 5.35
C THR A 14 -6.94 0.68 6.25
N THR A 15 -7.42 -0.56 6.07
CA THR A 15 -7.17 -1.68 6.96
C THR A 15 -5.85 -2.41 6.61
N CYS A 16 -4.81 -1.68 6.21
CA CYS A 16 -3.42 -2.14 6.13
C CYS A 16 -2.46 -1.02 6.53
N PHE A 17 -2.80 0.27 6.40
CA PHE A 17 -1.81 1.29 6.74
C PHE A 17 -1.40 1.23 8.21
N ASN A 18 -2.31 0.75 9.09
CA ASN A 18 -2.12 0.62 10.54
C ASN A 18 -1.67 1.91 11.22
N ASN A 19 -1.84 3.03 10.51
CA ASN A 19 -1.33 4.34 10.86
C ASN A 19 0.19 4.35 11.01
N GLY A 20 0.88 4.00 9.92
CA GLY A 20 2.31 4.15 9.74
C GLY A 20 3.12 3.03 10.39
N THR A 21 2.53 1.84 10.49
CA THR A 21 3.12 0.66 11.13
C THR A 21 2.47 -0.62 10.57
N GLY A 22 2.20 -0.63 9.27
CA GLY A 22 1.58 -1.72 8.53
C GLY A 22 2.35 -2.02 7.25
N PRO A 23 1.92 -3.01 6.44
CA PRO A 23 2.74 -3.54 5.37
C PRO A 23 2.92 -2.50 4.26
N CYS A 24 1.84 -1.99 3.65
CA CYS A 24 1.91 -0.75 2.89
C CYS A 24 1.86 0.41 3.90
N ALA A 25 3.01 0.77 4.45
CA ALA A 25 3.19 1.98 5.23
C ALA A 25 4.27 2.86 4.64
N ASN A 26 5.41 2.28 4.27
CA ASN A 26 6.51 3.06 3.74
C ASN A 26 6.20 3.45 2.29
N CYS A 27 5.36 2.67 1.61
CA CYS A 27 4.73 3.04 0.33
C CYS A 27 3.77 4.22 0.44
N LEU A 28 3.63 4.85 1.62
CA LEU A 28 2.70 5.95 1.86
C LEU A 28 3.53 7.20 2.13
N ALA A 29 4.30 7.17 3.22
CA ALA A 29 4.92 8.36 3.79
C ALA A 29 5.99 9.00 2.91
N GLY A 30 6.53 8.25 1.95
CA GLY A 30 7.45 8.76 0.97
C GLY A 30 7.29 7.90 -0.26
N TYR A 31 6.27 8.17 -1.09
CA TYR A 31 5.94 7.26 -2.19
C TYR A 31 6.10 7.85 -3.61
N PRO A 32 7.25 8.47 -3.94
CA PRO A 32 7.42 9.07 -5.26
C PRO A 32 7.86 8.03 -6.29
N ALA A 33 8.05 6.76 -5.87
CA ALA A 33 8.30 5.61 -6.71
C ALA A 33 7.26 4.49 -6.51
N GLY A 34 6.27 4.61 -5.62
CA GLY A 34 5.42 3.49 -5.25
C GLY A 34 4.52 3.00 -6.39
N CYS A 35 4.12 3.90 -7.28
CA CYS A 35 3.45 3.60 -8.55
C CYS A 35 4.28 2.70 -9.46
N SER A 36 5.60 2.65 -9.29
CA SER A 36 6.45 1.74 -10.00
C SER A 36 6.50 0.37 -9.31
N ASN A 37 6.45 0.32 -7.97
CA ASN A 37 6.59 -0.87 -7.15
C ASN A 37 5.27 -1.64 -7.15
N SER A 38 5.09 -2.63 -8.03
CA SER A 38 3.79 -3.27 -8.22
C SER A 38 3.17 -3.81 -6.92
N ASP A 39 3.99 -4.28 -5.98
CA ASP A 39 3.61 -4.75 -4.63
C ASP A 39 2.76 -3.70 -3.91
N CYS A 40 3.13 -2.44 -4.07
CA CYS A 40 2.51 -1.29 -3.45
C CYS A 40 1.51 -0.64 -4.39
N THR A 41 1.84 -0.48 -5.67
CA THR A 41 1.01 0.11 -6.70
C THR A 41 -0.44 -0.38 -6.59
N ALA A 42 -0.66 -1.69 -6.45
CA ALA A 42 -1.99 -2.24 -6.52
C ALA A 42 -2.88 -1.79 -5.35
N PHE A 43 -2.29 -1.58 -4.17
CA PHE A 43 -2.92 -0.94 -3.02
C PHE A 43 -3.01 0.55 -3.30
N LEU A 44 -1.89 1.22 -3.62
CA LEU A 44 -1.84 2.66 -3.74
C LEU A 44 -2.84 3.21 -4.78
N SER A 45 -3.16 2.41 -5.79
CA SER A 45 -4.18 2.61 -6.80
C SER A 45 -5.48 3.04 -6.12
N GLN A 46 -5.98 2.25 -5.17
CA GLN A 46 -7.19 2.55 -4.42
C GLN A 46 -6.91 3.53 -3.28
N CYS A 47 -5.76 3.39 -2.62
CA CYS A 47 -5.51 4.10 -1.36
C CYS A 47 -5.27 5.59 -1.57
N TYR A 48 -4.70 5.97 -2.71
CA TYR A 48 -4.37 7.35 -3.06
C TYR A 48 -4.97 7.75 -4.40
N GLY A 49 -4.95 6.85 -5.38
CA GLY A 49 -5.38 7.13 -6.75
C GLY A 49 -4.34 6.72 -7.79
N GLY A 50 -3.18 6.25 -7.36
CA GLY A 50 -2.09 5.82 -8.22
C GLY A 50 -1.34 7.02 -8.80
N CYS A 51 -0.56 7.68 -7.93
CA CYS A 51 0.21 8.92 -8.13
C CYS A 51 -0.70 10.13 -8.26
N GLY A 1 4.58 -9.28 -2.09
CA GLY A 1 5.24 -8.82 -0.87
C GLY A 1 4.21 -8.59 0.21
N GLU A 2 4.61 -8.06 1.37
CA GLU A 2 3.73 -7.86 2.53
C GLU A 2 2.48 -7.07 2.18
N CYS A 3 2.65 -6.01 1.39
CA CYS A 3 1.53 -5.17 0.96
C CYS A 3 0.52 -5.99 0.15
N GLU A 4 0.95 -6.73 -0.88
CA GLU A 4 0.09 -7.68 -1.60
C GLU A 4 -0.52 -8.70 -0.63
N GLN A 5 0.28 -9.19 0.32
CA GLN A 5 -0.10 -10.21 1.27
C GLN A 5 -1.17 -9.69 2.25
N CYS A 6 -1.28 -8.38 2.46
CA CYS A 6 -2.34 -7.76 3.25
C CYS A 6 -3.61 -7.64 2.42
N PHE A 7 -3.49 -7.24 1.15
CA PHE A 7 -4.60 -7.28 0.21
C PHE A 7 -5.16 -8.69 0.11
N SER A 8 -4.27 -9.70 0.08
CA SER A 8 -4.60 -11.11 0.03
C SER A 8 -5.41 -11.50 1.27
N ASP A 9 -5.03 -11.03 2.47
CA ASP A 9 -5.86 -11.28 3.66
C ASP A 9 -6.93 -10.18 3.80
N GLY A 10 -7.45 -9.71 2.67
CA GLY A 10 -8.66 -8.91 2.57
C GLY A 10 -8.57 -7.56 3.25
N GLY A 11 -7.61 -6.73 2.85
CA GLY A 11 -7.52 -5.32 3.22
C GLY A 11 -7.44 -4.42 1.98
N ASP A 12 -7.75 -3.14 2.13
CA ASP A 12 -7.83 -2.19 1.01
C ASP A 12 -6.87 -1.02 1.15
N CYS A 13 -6.86 -0.36 2.31
CA CYS A 13 -5.87 0.66 2.61
C CYS A 13 -5.76 0.84 4.11
N THR A 14 -6.88 1.17 4.76
CA THR A 14 -6.94 1.45 6.18
C THR A 14 -6.39 0.24 6.94
N THR A 15 -6.96 -0.93 6.67
CA THR A 15 -6.65 -2.14 7.42
C THR A 15 -5.37 -2.84 6.88
N CYS A 16 -4.39 -2.04 6.44
CA CYS A 16 -3.05 -2.38 5.93
C CYS A 16 -2.09 -1.19 6.08
N PHE A 17 -2.58 0.03 6.36
CA PHE A 17 -1.75 1.17 6.71
C PHE A 17 -1.49 1.18 8.21
N ASN A 18 -2.49 0.80 9.02
CA ASN A 18 -2.38 0.66 10.47
C ASN A 18 -1.76 1.91 11.12
N ASN A 19 -2.30 3.03 10.70
CA ASN A 19 -1.82 4.39 10.83
C ASN A 19 -0.31 4.61 10.78
N GLY A 20 0.36 3.95 9.84
CA GLY A 20 1.77 4.10 9.54
C GLY A 20 2.64 3.00 10.14
N THR A 21 2.04 1.97 10.70
CA THR A 21 2.69 0.85 11.37
C THR A 21 2.01 -0.45 10.92
N GLY A 22 1.89 -0.62 9.60
CA GLY A 22 1.30 -1.77 8.93
C GLY A 22 2.03 -2.08 7.62
N PRO A 23 1.67 -3.17 6.93
CA PRO A 23 2.50 -3.84 5.92
C PRO A 23 2.63 -3.08 4.61
N CYS A 24 1.86 -2.01 4.43
CA CYS A 24 1.98 -1.11 3.29
C CYS A 24 2.30 0.33 3.70
N ALA A 25 2.65 0.59 4.97
CA ALA A 25 2.85 1.93 5.50
C ALA A 25 3.91 2.72 4.74
N ASN A 26 5.06 2.11 4.48
CA ASN A 26 6.20 2.84 3.94
C ASN A 26 5.98 3.23 2.49
N CYS A 27 5.06 2.55 1.78
CA CYS A 27 4.64 2.92 0.43
C CYS A 27 3.86 4.24 0.39
N LEU A 28 3.73 4.97 1.51
CA LEU A 28 2.86 6.14 1.62
C LEU A 28 3.66 7.40 1.89
N ALA A 29 4.45 7.39 2.98
CA ALA A 29 4.97 8.60 3.60
C ALA A 29 5.76 9.44 2.60
N GLY A 30 6.71 8.78 1.93
CA GLY A 30 7.40 9.29 0.77
C GLY A 30 7.29 8.21 -0.27
N TYR A 31 6.46 8.42 -1.30
CA TYR A 31 6.12 7.39 -2.27
C TYR A 31 6.29 7.85 -3.72
N PRO A 32 7.43 8.43 -4.12
CA PRO A 32 7.53 9.06 -5.42
C PRO A 32 7.59 8.01 -6.55
N ALA A 33 8.08 6.82 -6.21
CA ALA A 33 8.28 5.67 -7.07
C ALA A 33 7.24 4.57 -6.84
N GLY A 34 6.31 4.75 -5.89
CA GLY A 34 5.50 3.66 -5.37
C GLY A 34 4.64 2.99 -6.43
N CYS A 35 4.17 3.73 -7.44
CA CYS A 35 3.40 3.18 -8.54
C CYS A 35 4.20 2.18 -9.39
N SER A 36 5.53 2.27 -9.40
CA SER A 36 6.38 1.31 -10.09
C SER A 36 6.56 0.04 -9.25
N ASN A 37 6.43 0.14 -7.92
CA ASN A 37 6.57 -0.95 -6.98
C ASN A 37 5.29 -1.78 -7.00
N SER A 38 5.15 -2.74 -7.91
CA SER A 38 3.95 -3.57 -8.07
C SER A 38 3.55 -4.39 -6.81
N ASP A 39 4.36 -4.38 -5.75
CA ASP A 39 4.00 -4.84 -4.40
C ASP A 39 3.01 -3.89 -3.73
N CYS A 40 3.15 -2.59 -3.99
CA CYS A 40 2.45 -1.46 -3.39
C CYS A 40 1.51 -0.78 -4.38
N THR A 41 1.76 -0.89 -5.68
CA THR A 41 0.97 -0.28 -6.73
C THR A 41 -0.53 -0.52 -6.54
N ALA A 42 -0.97 -1.77 -6.32
CA ALA A 42 -2.39 -2.08 -6.20
C ALA A 42 -3.01 -1.28 -5.05
N PHE A 43 -2.38 -1.28 -3.87
CA PHE A 43 -2.79 -0.47 -2.73
C PHE A 43 -2.85 0.99 -3.14
N LEU A 44 -1.74 1.56 -3.66
CA LEU A 44 -1.67 2.99 -3.89
C LEU A 44 -2.67 3.46 -4.95
N SER A 45 -2.93 2.62 -5.95
CA SER A 45 -3.99 2.82 -6.92
C SER A 45 -5.33 3.05 -6.21
N GLN A 46 -5.63 2.25 -5.18
CA GLN A 46 -6.80 2.48 -4.34
C GLN A 46 -6.67 3.80 -3.56
N CYS A 47 -5.64 3.94 -2.71
CA CYS A 47 -5.64 4.89 -1.61
C CYS A 47 -5.13 6.29 -1.97
N TYR A 48 -4.48 6.44 -3.12
CA TYR A 48 -4.05 7.73 -3.68
C TYR A 48 -4.79 8.03 -4.97
N GLY A 49 -5.37 7.01 -5.62
CA GLY A 49 -5.86 7.07 -6.98
C GLY A 49 -4.79 6.58 -7.96
N GLY A 50 -3.59 6.29 -7.47
CA GLY A 50 -2.37 6.22 -8.24
C GLY A 50 -1.70 7.60 -8.17
N CYS A 51 -0.38 7.59 -7.97
CA CYS A 51 0.45 8.76 -8.14
C CYS A 51 0.43 9.24 -9.58
N GLY A 1 4.51 -8.89 -1.86
CA GLY A 1 5.25 -8.57 -0.64
C GLY A 1 4.28 -8.38 0.52
N GLU A 2 4.67 -7.64 1.56
CA GLU A 2 3.78 -7.42 2.71
C GLU A 2 2.47 -6.75 2.31
N CYS A 3 2.48 -5.85 1.33
CA CYS A 3 1.27 -5.15 0.93
C CYS A 3 0.33 -6.08 0.18
N GLU A 4 0.84 -6.88 -0.76
CA GLU A 4 0.08 -7.97 -1.39
C GLU A 4 -0.50 -8.91 -0.33
N GLN A 5 0.31 -9.32 0.64
CA GLN A 5 -0.09 -10.31 1.62
C GLN A 5 -1.23 -9.79 2.49
N CYS A 6 -1.24 -8.49 2.79
CA CYS A 6 -2.36 -7.82 3.42
C CYS A 6 -3.57 -7.86 2.50
N PHE A 7 -3.42 -7.44 1.24
CA PHE A 7 -4.45 -7.49 0.21
C PHE A 7 -5.15 -8.86 0.21
N SER A 8 -4.39 -9.95 0.16
CA SER A 8 -4.94 -11.30 0.12
C SER A 8 -5.74 -11.69 1.37
N ASP A 9 -5.52 -11.03 2.51
CA ASP A 9 -6.30 -11.24 3.73
C ASP A 9 -7.30 -10.09 3.92
N GLY A 10 -7.92 -9.64 2.83
CA GLY A 10 -8.99 -8.65 2.85
C GLY A 10 -8.46 -7.24 3.14
N GLY A 11 -7.23 -6.95 2.74
CA GLY A 11 -6.65 -5.62 2.80
C GLY A 11 -7.26 -4.72 1.73
N ASP A 12 -7.50 -3.44 2.03
CA ASP A 12 -7.93 -2.45 1.04
C ASP A 12 -6.95 -1.27 1.00
N CYS A 13 -7.20 -0.22 1.78
CA CYS A 13 -6.46 1.03 1.85
C CYS A 13 -6.41 1.48 3.31
N THR A 14 -7.57 1.47 3.98
CA THR A 14 -7.59 1.67 5.42
C THR A 14 -6.74 0.58 6.07
N THR A 15 -7.06 -0.69 5.80
CA THR A 15 -6.69 -1.76 6.72
C THR A 15 -5.40 -2.49 6.28
N CYS A 16 -4.43 -1.73 5.75
CA CYS A 16 -3.06 -2.18 5.50
C CYS A 16 -2.07 -1.07 5.85
N PHE A 17 -2.43 -0.18 6.79
CA PHE A 17 -1.61 0.97 7.15
C PHE A 17 -1.19 0.96 8.62
N ASN A 18 -2.07 0.50 9.52
CA ASN A 18 -1.82 0.47 10.97
C ASN A 18 -1.38 1.83 11.51
N ASN A 19 -1.79 2.91 10.85
CA ASN A 19 -1.24 4.25 10.99
C ASN A 19 0.29 4.33 10.99
N GLY A 20 0.91 3.89 9.89
CA GLY A 20 2.33 4.14 9.64
C GLY A 20 3.24 3.08 10.23
N THR A 21 2.72 1.88 10.49
CA THR A 21 3.45 0.81 11.18
C THR A 21 2.84 -0.55 10.75
N GLY A 22 2.48 -0.66 9.46
CA GLY A 22 1.77 -1.79 8.87
C GLY A 22 2.23 -2.07 7.44
N PRO A 23 1.62 -3.04 6.76
CA PRO A 23 2.24 -3.85 5.70
C PRO A 23 2.40 -3.13 4.36
N CYS A 24 1.79 -1.95 4.21
CA CYS A 24 2.02 -1.09 3.05
C CYS A 24 2.52 0.29 3.48
N ALA A 25 2.78 0.53 4.76
CA ALA A 25 2.92 1.86 5.33
C ALA A 25 4.02 2.69 4.70
N ASN A 26 5.15 2.08 4.39
CA ASN A 26 6.29 2.83 3.87
C ASN A 26 6.08 3.16 2.39
N CYS A 27 5.09 2.55 1.72
CA CYS A 27 4.60 2.98 0.41
C CYS A 27 3.80 4.29 0.48
N LEU A 28 3.64 4.94 1.65
CA LEU A 28 2.71 6.06 1.82
C LEU A 28 3.48 7.34 2.09
N ALA A 29 4.31 7.37 3.14
CA ALA A 29 4.92 8.59 3.66
C ALA A 29 5.77 9.26 2.58
N GLY A 30 6.79 8.55 2.11
CA GLY A 30 7.62 8.96 1.01
C GLY A 30 7.32 8.01 -0.12
N TYR A 31 6.32 8.30 -0.95
CA TYR A 31 5.99 7.38 -2.05
C TYR A 31 6.22 7.96 -3.46
N PRO A 32 7.40 8.54 -3.77
CA PRO A 32 7.62 9.13 -5.07
C PRO A 32 8.07 8.08 -6.10
N ALA A 33 8.20 6.81 -5.67
CA ALA A 33 8.46 5.65 -6.52
C ALA A 33 7.39 4.55 -6.39
N GLY A 34 6.37 4.70 -5.53
CA GLY A 34 5.48 3.59 -5.18
C GLY A 34 4.65 3.10 -6.36
N CYS A 35 4.25 3.98 -7.27
CA CYS A 35 3.57 3.62 -8.51
C CYS A 35 4.43 2.76 -9.45
N SER A 36 5.73 2.60 -9.19
CA SER A 36 6.60 1.71 -9.92
C SER A 36 6.75 0.35 -9.22
N ASN A 37 6.44 0.29 -7.93
CA ASN A 37 6.57 -0.88 -7.06
C ASN A 37 5.26 -1.64 -7.11
N SER A 38 5.17 -2.74 -7.86
CA SER A 38 3.92 -3.49 -8.02
C SER A 38 3.27 -3.86 -6.68
N ASP A 39 4.06 -4.20 -5.63
CA ASP A 39 3.53 -4.56 -4.31
C ASP A 39 2.73 -3.41 -3.70
N CYS A 40 3.19 -2.18 -3.89
CA CYS A 40 2.54 -0.99 -3.38
C CYS A 40 1.40 -0.60 -4.33
N THR A 41 1.64 -0.70 -5.63
CA THR A 41 0.82 -0.18 -6.72
C THR A 41 -0.67 -0.52 -6.52
N ALA A 42 -1.04 -1.78 -6.28
CA ALA A 42 -2.45 -2.14 -6.22
C ALA A 42 -3.17 -1.44 -5.07
N PHE A 43 -2.49 -1.31 -3.93
CA PHE A 43 -2.97 -0.56 -2.77
C PHE A 43 -3.03 0.92 -3.13
N LEU A 44 -1.94 1.52 -3.62
CA LEU A 44 -1.89 2.96 -3.81
C LEU A 44 -2.88 3.43 -4.88
N SER A 45 -3.21 2.55 -5.83
CA SER A 45 -4.33 2.69 -6.76
C SER A 45 -5.61 2.99 -5.94
N GLN A 46 -6.05 2.03 -5.10
CA GLN A 46 -7.20 2.16 -4.20
C GLN A 46 -7.10 3.36 -3.25
N CYS A 47 -5.89 3.71 -2.79
CA CYS A 47 -5.70 4.58 -1.65
C CYS A 47 -5.37 6.04 -2.01
N TYR A 48 -4.83 6.29 -3.20
CA TYR A 48 -4.33 7.59 -3.66
C TYR A 48 -4.77 7.95 -5.08
N GLY A 49 -5.11 6.96 -5.90
CA GLY A 49 -5.33 7.12 -7.33
C GLY A 49 -4.08 6.77 -8.14
N GLY A 50 -3.08 6.14 -7.50
CA GLY A 50 -1.95 5.50 -8.15
C GLY A 50 -1.15 6.43 -9.05
N CYS A 51 -0.46 7.40 -8.45
CA CYS A 51 0.06 8.59 -9.11
C CYS A 51 -1.13 9.34 -9.69
N GLY A 1 5.34 -10.26 -1.11
CA GLY A 1 5.52 -8.97 -0.42
C GLY A 1 4.40 -8.74 0.59
N GLU A 2 4.69 -7.95 1.62
CA GLU A 2 3.81 -7.69 2.75
C GLU A 2 2.55 -6.97 2.30
N CYS A 3 2.70 -5.90 1.52
CA CYS A 3 1.57 -5.11 1.05
C CYS A 3 0.59 -6.02 0.30
N GLU A 4 1.11 -6.83 -0.63
CA GLU A 4 0.30 -7.81 -1.35
C GLU A 4 -0.29 -8.85 -0.38
N GLN A 5 0.46 -9.32 0.63
CA GLN A 5 0.01 -10.32 1.59
C GLN A 5 -1.19 -9.81 2.41
N CYS A 6 -1.22 -8.51 2.71
CA CYS A 6 -2.34 -7.86 3.36
C CYS A 6 -3.56 -7.88 2.43
N PHE A 7 -3.38 -7.44 1.18
CA PHE A 7 -4.42 -7.45 0.17
C PHE A 7 -4.97 -8.86 -0.09
N SER A 8 -4.13 -9.89 -0.03
CA SER A 8 -4.56 -11.27 -0.15
C SER A 8 -5.59 -11.64 0.93
N ASP A 9 -5.48 -11.08 2.14
CA ASP A 9 -6.47 -11.32 3.20
C ASP A 9 -7.51 -10.18 3.23
N GLY A 10 -7.85 -9.68 2.03
CA GLY A 10 -8.93 -8.74 1.78
C GLY A 10 -8.70 -7.37 2.40
N GLY A 11 -7.44 -6.97 2.62
CA GLY A 11 -7.16 -5.61 3.05
C GLY A 11 -7.49 -4.59 1.95
N ASP A 12 -7.68 -3.32 2.32
CA ASP A 12 -7.82 -2.22 1.36
C ASP A 12 -6.71 -1.21 1.66
N CYS A 13 -7.00 -0.16 2.45
CA CYS A 13 -6.11 0.97 2.71
C CYS A 13 -5.97 1.19 4.20
N THR A 14 -7.08 1.22 4.93
CA THR A 14 -7.07 1.44 6.37
C THR A 14 -6.43 0.20 7.01
N THR A 15 -6.99 -0.97 6.71
CA THR A 15 -6.67 -2.24 7.33
C THR A 15 -5.35 -2.85 6.79
N CYS A 16 -4.36 -2.03 6.46
CA CYS A 16 -3.00 -2.37 6.00
C CYS A 16 -2.03 -1.22 6.26
N PHE A 17 -2.51 -0.01 6.58
CA PHE A 17 -1.63 1.09 6.94
C PHE A 17 -1.39 1.11 8.45
N ASN A 18 -2.42 0.79 9.26
CA ASN A 18 -2.40 0.86 10.73
C ASN A 18 -1.86 2.19 11.23
N ASN A 19 -2.19 3.27 10.53
CA ASN A 19 -1.55 4.56 10.63
C ASN A 19 -0.03 4.50 10.78
N GLY A 20 0.64 3.94 9.78
CA GLY A 20 2.09 3.95 9.64
C GLY A 20 2.78 2.81 10.40
N THR A 21 2.08 1.74 10.75
CA THR A 21 2.60 0.63 11.53
C THR A 21 2.38 -0.72 10.80
N GLY A 22 1.53 -0.74 9.77
CA GLY A 22 1.09 -1.95 9.10
C GLY A 22 2.11 -2.44 8.08
N PRO A 23 1.74 -3.43 7.26
CA PRO A 23 2.60 -3.93 6.21
C PRO A 23 2.80 -2.87 5.14
N CYS A 24 1.72 -2.39 4.52
CA CYS A 24 1.78 -1.34 3.53
C CYS A 24 1.80 -0.01 4.28
N ALA A 25 2.96 0.36 4.85
CA ALA A 25 3.19 1.67 5.43
C ALA A 25 4.21 2.50 4.65
N ASN A 26 5.36 1.91 4.29
CA ASN A 26 6.45 2.67 3.66
C ASN A 26 6.20 3.06 2.20
N CYS A 27 5.06 2.67 1.61
CA CYS A 27 4.61 3.16 0.31
C CYS A 27 3.72 4.41 0.44
N LEU A 28 3.54 5.02 1.63
CA LEU A 28 2.75 6.25 1.79
C LEU A 28 3.62 7.48 1.93
N ALA A 29 4.47 7.49 2.96
CA ALA A 29 5.10 8.69 3.51
C ALA A 29 6.19 9.28 2.59
N GLY A 30 6.59 8.53 1.58
CA GLY A 30 7.56 8.94 0.59
C GLY A 30 7.38 8.01 -0.59
N TYR A 31 6.39 8.31 -1.44
CA TYR A 31 5.97 7.36 -2.46
C TYR A 31 5.98 7.93 -3.88
N PRO A 32 7.08 8.54 -4.35
CA PRO A 32 7.03 9.18 -5.65
C PRO A 32 7.14 8.12 -6.76
N ALA A 33 7.85 7.04 -6.46
CA ALA A 33 8.02 5.85 -7.30
C ALA A 33 7.04 4.73 -6.92
N GLY A 34 6.16 4.93 -5.92
CA GLY A 34 5.41 3.84 -5.29
C GLY A 34 4.50 3.12 -6.29
N CYS A 35 4.06 3.83 -7.33
CA CYS A 35 3.21 3.33 -8.41
C CYS A 35 3.90 2.28 -9.26
N SER A 36 5.24 2.30 -9.29
CA SER A 36 6.08 1.34 -9.97
C SER A 36 6.69 0.33 -8.99
N ASN A 37 6.38 0.44 -7.70
CA ASN A 37 6.55 -0.67 -6.77
C ASN A 37 5.30 -1.51 -6.86
N SER A 38 5.25 -2.43 -7.83
CA SER A 38 4.10 -3.30 -8.12
C SER A 38 3.52 -4.00 -6.87
N ASP A 39 4.31 -4.20 -5.82
CA ASP A 39 3.85 -4.67 -4.51
C ASP A 39 2.86 -3.72 -3.83
N CYS A 40 3.10 -2.42 -3.96
CA CYS A 40 2.38 -1.29 -3.36
C CYS A 40 1.40 -0.66 -4.36
N THR A 41 1.53 -0.95 -5.65
CA THR A 41 0.78 -0.32 -6.71
C THR A 41 -0.74 -0.47 -6.55
N ALA A 42 -1.27 -1.66 -6.28
CA ALA A 42 -2.71 -1.84 -6.14
C ALA A 42 -3.22 -1.05 -4.95
N PHE A 43 -2.53 -1.14 -3.81
CA PHE A 43 -2.82 -0.37 -2.61
C PHE A 43 -2.86 1.10 -3.02
N LEU A 44 -1.81 1.64 -3.63
CA LEU A 44 -1.72 3.07 -3.86
C LEU A 44 -2.69 3.58 -4.92
N SER A 45 -3.00 2.77 -5.93
CA SER A 45 -4.08 3.04 -6.87
C SER A 45 -5.36 3.31 -6.07
N GLN A 46 -5.64 2.46 -5.09
CA GLN A 46 -6.83 2.54 -4.27
C GLN A 46 -6.77 3.68 -3.24
N CYS A 47 -5.63 3.96 -2.59
CA CYS A 47 -5.55 4.95 -1.51
C CYS A 47 -5.17 6.36 -1.96
N TYR A 48 -4.69 6.55 -3.19
CA TYR A 48 -4.25 7.83 -3.75
C TYR A 48 -4.84 8.08 -5.14
N GLY A 49 -4.90 7.06 -5.97
CA GLY A 49 -5.15 7.16 -7.39
C GLY A 49 -4.00 6.53 -8.19
N GLY A 50 -2.81 6.38 -7.59
CA GLY A 50 -1.66 5.80 -8.23
C GLY A 50 -1.03 6.79 -9.22
N CYS A 51 -0.19 7.68 -8.70
CA CYS A 51 0.52 8.72 -9.43
C CYS A 51 -0.45 9.54 -10.29
N GLY A 1 6.37 -10.84 -0.38
CA GLY A 1 6.04 -9.41 -0.23
C GLY A 1 4.94 -9.19 0.77
N GLU A 2 4.58 -7.93 1.01
CA GLU A 2 3.91 -7.51 2.24
C GLU A 2 2.55 -6.86 2.00
N CYS A 3 2.45 -6.02 0.98
CA CYS A 3 1.27 -5.18 0.79
C CYS A 3 0.19 -5.95 0.02
N GLU A 4 0.57 -6.70 -1.03
CA GLU A 4 -0.33 -7.66 -1.69
C GLU A 4 -0.82 -8.69 -0.67
N GLN A 5 0.05 -9.11 0.24
CA GLN A 5 -0.24 -10.12 1.26
C GLN A 5 -1.34 -9.66 2.21
N CYS A 6 -1.46 -8.35 2.42
CA CYS A 6 -2.52 -7.77 3.23
C CYS A 6 -3.83 -7.72 2.43
N PHE A 7 -3.75 -7.45 1.12
CA PHE A 7 -4.89 -7.53 0.20
C PHE A 7 -5.44 -8.97 0.10
N SER A 8 -4.59 -10.00 0.20
CA SER A 8 -5.06 -11.39 0.34
C SER A 8 -5.95 -11.54 1.58
N ASP A 9 -5.61 -10.86 2.67
CA ASP A 9 -6.32 -10.94 3.95
C ASP A 9 -7.45 -9.90 4.02
N GLY A 10 -8.12 -9.69 2.88
CA GLY A 10 -9.29 -8.83 2.74
C GLY A 10 -8.98 -7.34 2.87
N GLY A 11 -7.72 -6.93 2.98
CA GLY A 11 -7.39 -5.58 3.40
C GLY A 11 -7.56 -4.55 2.28
N ASP A 12 -8.22 -3.43 2.58
CA ASP A 12 -8.43 -2.30 1.66
C ASP A 12 -7.26 -1.31 1.76
N CYS A 13 -7.37 -0.24 2.57
CA CYS A 13 -6.42 0.87 2.63
C CYS A 13 -6.07 1.23 4.06
N THR A 14 -7.07 1.33 4.94
CA THR A 14 -6.84 1.55 6.37
C THR A 14 -6.16 0.32 6.96
N THR A 15 -6.76 -0.87 6.82
CA THR A 15 -6.37 -2.03 7.63
C THR A 15 -5.11 -2.73 7.09
N CYS A 16 -4.17 -1.96 6.54
CA CYS A 16 -2.89 -2.35 5.97
C CYS A 16 -1.93 -1.16 5.94
N PHE A 17 -2.43 0.08 6.19
CA PHE A 17 -1.57 1.18 6.60
C PHE A 17 -1.23 1.01 8.08
N ASN A 18 -2.22 0.69 8.91
CA ASN A 18 -2.10 0.51 10.37
C ASN A 18 -1.25 1.63 10.96
N ASN A 19 -1.68 2.84 10.71
CA ASN A 19 -1.00 4.11 10.91
C ASN A 19 0.53 4.08 10.85
N GLY A 20 1.04 3.70 9.68
CA GLY A 20 2.46 3.69 9.36
C GLY A 20 3.22 2.52 9.96
N THR A 21 2.54 1.60 10.65
CA THR A 21 3.10 0.40 11.29
C THR A 21 2.48 -0.87 10.69
N GLY A 22 1.92 -0.77 9.48
CA GLY A 22 1.41 -1.89 8.71
C GLY A 22 2.33 -2.19 7.53
N PRO A 23 1.97 -3.17 6.70
CA PRO A 23 2.79 -3.58 5.56
C PRO A 23 2.86 -2.45 4.53
N CYS A 24 1.71 -1.96 4.06
CA CYS A 24 1.66 -0.87 3.10
C CYS A 24 1.73 0.45 3.86
N ALA A 25 2.87 0.70 4.51
CA ALA A 25 3.12 1.90 5.30
C ALA A 25 4.15 2.79 4.64
N ASN A 26 5.31 2.25 4.25
CA ASN A 26 6.36 3.09 3.67
C ASN A 26 5.94 3.60 2.29
N CYS A 27 5.12 2.82 1.59
CA CYS A 27 4.52 3.15 0.30
C CYS A 27 3.56 4.35 0.39
N LEU A 28 3.44 5.07 1.51
CA LEU A 28 2.41 6.09 1.72
C LEU A 28 3.01 7.47 1.92
N ALA A 29 4.09 7.55 2.70
CA ALA A 29 4.68 8.80 3.16
C ALA A 29 5.63 9.32 2.07
N GLY A 30 6.88 8.88 2.13
CA GLY A 30 7.83 9.06 1.06
C GLY A 30 7.51 8.10 -0.06
N TYR A 31 6.40 8.30 -0.77
CA TYR A 31 5.97 7.39 -1.82
C TYR A 31 6.00 8.02 -3.23
N PRO A 32 7.10 8.65 -3.66
CA PRO A 32 7.07 9.33 -4.94
C PRO A 32 7.23 8.30 -6.07
N ALA A 33 7.83 7.16 -5.78
CA ALA A 33 8.06 6.02 -6.67
C ALA A 33 7.06 4.88 -6.42
N GLY A 34 6.11 5.03 -5.49
CA GLY A 34 5.30 3.91 -5.03
C GLY A 34 4.53 3.22 -6.16
N CYS A 35 4.15 3.92 -7.23
CA CYS A 35 3.43 3.33 -8.36
C CYS A 35 4.28 2.33 -9.16
N SER A 36 5.62 2.41 -9.07
CA SER A 36 6.49 1.44 -9.71
C SER A 36 6.76 0.26 -8.78
N ASN A 37 6.42 0.39 -7.49
CA ASN A 37 6.59 -0.65 -6.48
C ASN A 37 5.45 -1.66 -6.63
N SER A 38 5.51 -2.61 -7.55
CA SER A 38 4.39 -3.51 -7.87
C SER A 38 3.76 -4.20 -6.65
N ASP A 39 4.49 -4.36 -5.53
CA ASP A 39 3.99 -4.83 -4.23
C ASP A 39 2.95 -3.87 -3.63
N CYS A 40 3.16 -2.56 -3.78
CA CYS A 40 2.38 -1.45 -3.25
C CYS A 40 1.47 -0.82 -4.31
N THR A 41 1.79 -0.96 -5.59
CA THR A 41 1.13 -0.30 -6.70
C THR A 41 -0.37 -0.47 -6.69
N ALA A 42 -0.89 -1.69 -6.51
CA ALA A 42 -2.33 -1.92 -6.58
C ALA A 42 -3.05 -1.27 -5.40
N PHE A 43 -2.46 -1.35 -4.20
CA PHE A 43 -2.92 -0.57 -3.05
C PHE A 43 -2.95 0.91 -3.44
N LEU A 44 -1.82 1.52 -3.85
CA LEU A 44 -1.78 2.96 -4.07
C LEU A 44 -2.70 3.43 -5.21
N SER A 45 -2.88 2.62 -6.24
CA SER A 45 -3.83 2.85 -7.33
C SER A 45 -5.22 3.12 -6.75
N GLN A 46 -5.62 2.32 -5.76
CA GLN A 46 -6.84 2.55 -5.00
C GLN A 46 -6.64 3.80 -4.11
N CYS A 47 -5.84 3.66 -3.04
CA CYS A 47 -5.83 4.56 -1.88
C CYS A 47 -5.37 6.00 -2.21
N TYR A 48 -4.64 6.21 -3.30
CA TYR A 48 -4.17 7.52 -3.76
C TYR A 48 -4.67 7.88 -5.15
N GLY A 49 -5.08 6.90 -5.95
CA GLY A 49 -5.37 7.08 -7.37
C GLY A 49 -4.21 6.62 -8.25
N GLY A 50 -3.06 6.29 -7.66
CA GLY A 50 -1.88 5.83 -8.39
C GLY A 50 -1.21 6.98 -9.12
N CYS A 51 -0.53 7.84 -8.34
CA CYS A 51 0.17 9.02 -8.83
C CYS A 51 -0.69 9.79 -9.83
N GLY A 1 4.72 -9.04 -2.62
CA GLY A 1 5.41 -8.76 -1.35
C GLY A 1 4.42 -8.72 -0.20
N GLU A 2 4.76 -8.01 0.88
CA GLU A 2 3.92 -7.88 2.06
C GLU A 2 2.63 -7.08 1.82
N CYS A 3 2.65 -6.11 0.90
CA CYS A 3 1.47 -5.27 0.69
C CYS A 3 0.43 -6.10 -0.06
N GLU A 4 0.86 -6.90 -1.03
CA GLU A 4 0.06 -7.96 -1.64
C GLU A 4 -0.42 -8.96 -0.57
N GLN A 5 0.44 -9.36 0.38
CA GLN A 5 0.09 -10.32 1.43
C GLN A 5 -1.08 -9.80 2.29
N CYS A 6 -1.06 -8.50 2.60
CA CYS A 6 -2.08 -7.85 3.38
C CYS A 6 -3.37 -7.68 2.57
N PHE A 7 -3.26 -7.41 1.26
CA PHE A 7 -4.38 -7.39 0.34
C PHE A 7 -5.05 -8.76 0.25
N SER A 8 -4.26 -9.84 0.23
CA SER A 8 -4.75 -11.21 0.21
C SER A 8 -5.64 -11.48 1.42
N ASP A 9 -5.32 -10.88 2.57
CA ASP A 9 -6.14 -10.94 3.79
C ASP A 9 -7.25 -9.89 3.72
N GLY A 10 -7.85 -9.69 2.54
CA GLY A 10 -8.95 -8.77 2.29
C GLY A 10 -8.69 -7.34 2.78
N GLY A 11 -7.42 -6.92 2.82
CA GLY A 11 -7.04 -5.60 3.29
C GLY A 11 -7.17 -4.58 2.18
N ASP A 12 -7.41 -3.30 2.53
CA ASP A 12 -7.75 -2.27 1.57
C ASP A 12 -6.72 -1.14 1.64
N CYS A 13 -6.99 -0.09 2.41
CA CYS A 13 -6.12 1.05 2.67
C CYS A 13 -6.02 1.19 4.18
N THR A 14 -7.14 1.46 4.85
CA THR A 14 -7.17 1.56 6.31
C THR A 14 -6.60 0.30 6.95
N THR A 15 -7.14 -0.88 6.60
CA THR A 15 -6.90 -2.09 7.41
C THR A 15 -5.61 -2.82 6.98
N CYS A 16 -4.60 -2.04 6.57
CA CYS A 16 -3.23 -2.43 6.26
C CYS A 16 -2.33 -1.22 6.47
N PHE A 17 -2.78 0.02 6.23
CA PHE A 17 -1.96 1.17 6.62
C PHE A 17 -1.70 1.16 8.12
N ASN A 18 -2.71 0.79 8.93
CA ASN A 18 -2.59 0.57 10.37
C ASN A 18 -2.02 1.82 11.08
N ASN A 19 -2.29 2.99 10.50
CA ASN A 19 -1.67 4.26 10.77
C ASN A 19 -0.14 4.24 10.84
N GLY A 20 0.50 3.89 9.73
CA GLY A 20 1.90 4.22 9.48
C GLY A 20 2.89 3.18 9.98
N THR A 21 2.40 2.10 10.59
CA THR A 21 3.19 1.02 11.17
C THR A 21 2.89 -0.34 10.52
N GLY A 22 1.88 -0.43 9.63
CA GLY A 22 1.53 -1.67 8.93
C GLY A 22 2.50 -2.02 7.79
N PRO A 23 2.21 -3.05 6.97
CA PRO A 23 3.10 -3.51 5.92
C PRO A 23 3.17 -2.48 4.78
N CYS A 24 2.02 -2.16 4.17
CA CYS A 24 1.90 -1.06 3.21
C CYS A 24 1.77 0.24 4.01
N ALA A 25 2.87 0.71 4.61
CA ALA A 25 2.90 1.97 5.36
C ALA A 25 3.92 2.93 4.78
N ASN A 26 5.16 2.48 4.63
CA ASN A 26 6.20 3.27 3.98
C ASN A 26 5.84 3.58 2.52
N CYS A 27 5.00 2.75 1.87
CA CYS A 27 4.43 3.04 0.55
C CYS A 27 3.51 4.26 0.55
N LEU A 28 3.24 4.98 1.65
CA LEU A 28 2.39 6.17 1.64
C LEU A 28 3.20 7.45 1.65
N ALA A 29 3.96 7.69 2.71
CA ALA A 29 4.67 8.94 2.90
C ALA A 29 5.79 9.07 1.87
N GLY A 30 6.78 8.19 1.98
CA GLY A 30 7.88 8.10 1.04
C GLY A 30 7.47 7.21 -0.12
N TYR A 31 6.57 7.71 -0.98
CA TYR A 31 6.08 6.92 -2.08
C TYR A 31 6.28 7.59 -3.44
N PRO A 32 7.46 8.09 -3.81
CA PRO A 32 7.60 8.70 -5.12
C PRO A 32 7.55 7.61 -6.18
N ALA A 33 8.26 6.51 -5.90
CA ALA A 33 8.29 5.29 -6.68
C ALA A 33 7.18 4.29 -6.34
N GLY A 34 6.28 4.61 -5.41
CA GLY A 34 5.29 3.64 -4.91
C GLY A 34 4.43 3.05 -6.04
N CYS A 35 3.99 3.89 -6.99
CA CYS A 35 3.26 3.52 -8.20
C CYS A 35 4.03 2.56 -9.11
N SER A 36 5.35 2.47 -8.94
CA SER A 36 6.23 1.59 -9.68
C SER A 36 6.54 0.32 -8.87
N ASN A 37 6.38 0.38 -7.55
CA ASN A 37 6.60 -0.74 -6.66
C ASN A 37 5.37 -1.61 -6.80
N SER A 38 5.40 -2.61 -7.68
CA SER A 38 4.26 -3.45 -8.04
C SER A 38 3.60 -4.05 -6.79
N ASP A 39 4.35 -4.34 -5.72
CA ASP A 39 3.78 -4.82 -4.45
C ASP A 39 2.84 -3.80 -3.81
N CYS A 40 3.15 -2.51 -3.93
CA CYS A 40 2.40 -1.40 -3.35
C CYS A 40 1.48 -0.73 -4.37
N THR A 41 1.64 -1.03 -5.66
CA THR A 41 0.99 -0.34 -6.74
C THR A 41 -0.52 -0.43 -6.61
N ALA A 42 -1.11 -1.62 -6.51
CA ALA A 42 -2.57 -1.75 -6.50
C ALA A 42 -3.19 -1.26 -5.18
N PHE A 43 -2.42 -1.31 -4.08
CA PHE A 43 -2.80 -0.60 -2.86
C PHE A 43 -2.90 0.88 -3.19
N LEU A 44 -1.82 1.51 -3.63
CA LEU A 44 -1.79 2.94 -3.88
C LEU A 44 -2.73 3.42 -4.99
N SER A 45 -3.00 2.58 -5.97
CA SER A 45 -3.98 2.77 -7.01
C SER A 45 -5.37 3.00 -6.40
N GLN A 46 -5.63 2.46 -5.21
CA GLN A 46 -6.79 2.75 -4.38
C GLN A 46 -6.51 3.94 -3.44
N CYS A 47 -5.46 3.91 -2.62
CA CYS A 47 -5.26 4.88 -1.53
C CYS A 47 -4.73 6.25 -1.97
N TYR A 48 -4.39 6.43 -3.25
CA TYR A 48 -4.02 7.68 -3.89
C TYR A 48 -4.72 7.89 -5.23
N GLY A 49 -5.22 6.81 -5.85
CA GLY A 49 -5.66 6.81 -7.24
C GLY A 49 -4.56 6.36 -8.20
N GLY A 50 -3.32 6.21 -7.68
CA GLY A 50 -2.13 6.00 -8.47
C GLY A 50 -1.66 7.36 -9.00
N CYS A 51 -0.53 7.84 -8.46
CA CYS A 51 0.04 9.17 -8.63
C CYS A 51 -0.19 9.77 -10.02
N GLY A 1 4.58 -10.61 -1.23
CA GLY A 1 5.04 -9.24 -0.97
C GLY A 1 4.28 -8.70 0.21
N GLU A 2 4.90 -7.84 1.01
CA GLU A 2 4.31 -7.40 2.27
C GLU A 2 2.94 -6.76 2.10
N CYS A 3 2.78 -5.93 1.07
CA CYS A 3 1.55 -5.20 0.86
C CYS A 3 0.52 -6.10 0.15
N GLU A 4 0.95 -6.91 -0.83
CA GLU A 4 0.11 -7.89 -1.52
C GLU A 4 -0.45 -8.91 -0.53
N GLN A 5 0.35 -9.34 0.44
CA GLN A 5 0.00 -10.28 1.51
C GLN A 5 -1.17 -9.73 2.32
N CYS A 6 -1.12 -8.44 2.63
CA CYS A 6 -2.14 -7.78 3.41
C CYS A 6 -3.44 -7.64 2.61
N PHE A 7 -3.33 -7.30 1.32
CA PHE A 7 -4.47 -7.21 0.40
C PHE A 7 -5.12 -8.57 0.20
N SER A 8 -4.33 -9.63 0.15
CA SER A 8 -4.80 -10.99 -0.03
C SER A 8 -5.80 -11.33 1.09
N ASP A 9 -5.54 -10.85 2.31
CA ASP A 9 -6.43 -10.94 3.47
C ASP A 9 -7.50 -9.83 3.46
N GLY A 10 -8.04 -9.49 2.29
CA GLY A 10 -9.10 -8.51 2.13
C GLY A 10 -8.73 -7.09 2.56
N GLY A 11 -7.44 -6.77 2.67
CA GLY A 11 -6.97 -5.46 3.10
C GLY A 11 -7.22 -4.43 2.01
N ASP A 12 -7.53 -3.17 2.37
CA ASP A 12 -8.03 -2.18 1.44
C ASP A 12 -7.05 -1.00 1.35
N CYS A 13 -6.97 -0.19 2.40
CA CYS A 13 -5.90 0.76 2.63
C CYS A 13 -5.75 0.92 4.13
N THR A 14 -6.84 1.24 4.83
CA THR A 14 -6.84 1.42 6.28
C THR A 14 -6.35 0.14 6.96
N THR A 15 -6.92 -1.03 6.66
CA THR A 15 -6.66 -2.21 7.50
C THR A 15 -5.38 -2.92 7.06
N CYS A 16 -4.39 -2.14 6.65
CA CYS A 16 -3.04 -2.51 6.31
C CYS A 16 -2.15 -1.35 6.70
N PHE A 17 -2.43 -0.10 6.30
CA PHE A 17 -1.62 1.05 6.68
C PHE A 17 -1.38 1.10 8.19
N ASN A 18 -2.42 0.78 8.97
CA ASN A 18 -2.35 0.67 10.44
C ASN A 18 -1.87 1.99 11.06
N ASN A 19 -2.14 3.10 10.40
CA ASN A 19 -1.55 4.39 10.70
C ASN A 19 -0.03 4.35 10.81
N GLY A 20 0.63 3.99 9.70
CA GLY A 20 2.05 4.26 9.48
C GLY A 20 2.97 3.16 9.99
N THR A 21 2.44 2.04 10.50
CA THR A 21 3.25 0.97 11.08
C THR A 21 3.03 -0.40 10.43
N GLY A 22 2.06 -0.53 9.51
CA GLY A 22 1.79 -1.80 8.84
C GLY A 22 2.69 -2.05 7.62
N PRO A 23 2.33 -3.00 6.73
CA PRO A 23 3.18 -3.44 5.63
C PRO A 23 3.24 -2.39 4.52
N CYS A 24 2.12 -2.07 3.88
CA CYS A 24 1.99 -0.90 3.01
C CYS A 24 1.95 0.31 3.94
N ALA A 25 3.11 0.76 4.44
CA ALA A 25 3.23 1.97 5.24
C ALA A 25 4.18 2.97 4.62
N ASN A 26 5.43 2.56 4.34
CA ASN A 26 6.37 3.43 3.62
C ASN A 26 5.76 3.89 2.29
N CYS A 27 4.99 3.01 1.65
CA CYS A 27 4.27 3.27 0.42
C CYS A 27 3.27 4.43 0.53
N LEU A 28 3.05 5.08 1.68
CA LEU A 28 2.23 6.27 1.80
C LEU A 28 3.06 7.53 1.97
N ALA A 29 3.98 7.53 2.94
CA ALA A 29 4.74 8.72 3.31
C ALA A 29 5.78 8.99 2.23
N GLY A 30 6.89 8.23 2.25
CA GLY A 30 7.94 8.37 1.29
C GLY A 30 7.64 7.58 0.04
N TYR A 31 6.55 7.90 -0.68
CA TYR A 31 6.08 7.07 -1.76
C TYR A 31 6.26 7.67 -3.18
N PRO A 32 7.42 8.19 -3.59
CA PRO A 32 7.52 8.72 -4.94
C PRO A 32 7.52 7.57 -5.95
N ALA A 33 8.03 6.41 -5.54
CA ALA A 33 8.20 5.23 -6.36
C ALA A 33 7.09 4.19 -6.14
N GLY A 34 6.13 4.42 -5.25
CA GLY A 34 5.18 3.40 -4.81
C GLY A 34 4.30 2.89 -5.94
N CYS A 35 3.87 3.77 -6.84
CA CYS A 35 3.12 3.45 -8.05
C CYS A 35 3.89 2.54 -9.01
N SER A 36 5.20 2.39 -8.80
CA SER A 36 6.07 1.56 -9.62
C SER A 36 6.51 0.31 -8.84
N ASN A 37 6.32 0.31 -7.51
CA ASN A 37 6.55 -0.83 -6.65
C ASN A 37 5.35 -1.74 -6.83
N SER A 38 5.38 -2.76 -7.68
CA SER A 38 4.21 -3.57 -8.02
C SER A 38 3.49 -4.08 -6.75
N ASP A 39 4.24 -4.42 -5.70
CA ASP A 39 3.67 -4.86 -4.41
C ASP A 39 2.80 -3.78 -3.75
N CYS A 40 3.15 -2.49 -3.90
CA CYS A 40 2.39 -1.36 -3.35
C CYS A 40 1.48 -0.70 -4.40
N THR A 41 1.64 -1.03 -5.67
CA THR A 41 1.00 -0.35 -6.77
C THR A 41 -0.52 -0.49 -6.68
N ALA A 42 -1.08 -1.69 -6.59
CA ALA A 42 -2.55 -1.82 -6.58
C ALA A 42 -3.14 -1.21 -5.30
N PHE A 43 -2.45 -1.32 -4.16
CA PHE A 43 -2.84 -0.61 -2.94
C PHE A 43 -2.96 0.88 -3.25
N LEU A 44 -1.89 1.50 -3.74
CA LEU A 44 -1.87 2.93 -3.99
C LEU A 44 -2.78 3.36 -5.13
N SER A 45 -3.02 2.51 -6.11
CA SER A 45 -3.99 2.70 -7.17
C SER A 45 -5.39 2.83 -6.56
N GLN A 46 -5.73 2.06 -5.52
CA GLN A 46 -6.90 2.35 -4.70
C GLN A 46 -6.66 3.66 -3.93
N CYS A 47 -5.75 3.68 -2.95
CA CYS A 47 -5.68 4.70 -1.91
C CYS A 47 -5.41 6.11 -2.45
N TYR A 48 -4.47 6.28 -3.37
CA TYR A 48 -4.14 7.57 -3.97
C TYR A 48 -4.87 7.83 -5.29
N GLY A 49 -5.43 6.78 -5.90
CA GLY A 49 -5.85 6.82 -7.29
C GLY A 49 -4.69 6.51 -8.25
N GLY A 50 -3.46 6.40 -7.73
CA GLY A 50 -2.24 6.21 -8.50
C GLY A 50 -1.67 7.56 -8.95
N CYS A 51 -0.56 7.95 -8.31
CA CYS A 51 0.13 9.24 -8.36
C CYS A 51 0.07 9.94 -9.71
N GLY A 1 6.56 -9.33 -1.71
CA GLY A 1 5.47 -8.43 -1.33
C GLY A 1 5.15 -8.55 0.15
N GLU A 2 4.76 -7.44 0.73
CA GLU A 2 4.19 -7.31 2.06
C GLU A 2 2.81 -6.67 1.97
N CYS A 3 2.68 -5.67 1.10
CA CYS A 3 1.41 -5.00 0.92
C CYS A 3 0.43 -5.97 0.22
N GLU A 4 0.94 -6.77 -0.73
CA GLU A 4 0.21 -7.88 -1.35
C GLU A 4 -0.32 -8.84 -0.28
N GLN A 5 0.50 -9.25 0.69
CA GLN A 5 0.09 -10.20 1.71
C GLN A 5 -1.06 -9.63 2.56
N CYS A 6 -1.08 -8.31 2.77
CA CYS A 6 -2.17 -7.65 3.47
C CYS A 6 -3.46 -7.69 2.66
N PHE A 7 -3.38 -7.29 1.38
CA PHE A 7 -4.51 -7.33 0.47
C PHE A 7 -5.11 -8.74 0.43
N SER A 8 -4.24 -9.75 0.36
CA SER A 8 -4.64 -11.14 0.24
C SER A 8 -5.46 -11.62 1.44
N ASP A 9 -5.30 -11.05 2.64
CA ASP A 9 -6.17 -11.37 3.78
C ASP A 9 -7.41 -10.45 3.77
N GLY A 10 -7.90 -10.12 2.58
CA GLY A 10 -9.05 -9.27 2.33
C GLY A 10 -8.90 -7.90 2.96
N GLY A 11 -7.79 -7.21 2.69
CA GLY A 11 -7.58 -5.82 3.11
C GLY A 11 -7.56 -4.89 1.91
N ASP A 12 -7.76 -3.58 2.10
CA ASP A 12 -7.59 -2.60 1.02
C ASP A 12 -6.53 -1.58 1.45
N CYS A 13 -6.93 -0.43 2.00
CA CYS A 13 -6.04 0.66 2.38
C CYS A 13 -6.03 0.83 3.89
N THR A 14 -7.20 1.15 4.43
CA THR A 14 -7.42 1.52 5.81
C THR A 14 -7.27 0.35 6.77
N THR A 15 -7.27 -0.89 6.27
CA THR A 15 -6.90 -2.07 7.05
C THR A 15 -5.57 -2.69 6.55
N CYS A 16 -4.62 -1.86 6.11
CA CYS A 16 -3.31 -2.28 5.61
C CYS A 16 -2.23 -1.21 5.83
N PHE A 17 -2.45 -0.27 6.75
CA PHE A 17 -1.52 0.83 7.00
C PHE A 17 -1.19 1.01 8.47
N ASN A 18 -2.13 0.68 9.38
CA ASN A 18 -2.14 0.89 10.83
C ASN A 18 -1.90 2.34 11.28
N ASN A 19 -1.69 3.25 10.33
CA ASN A 19 -1.23 4.63 10.47
C ASN A 19 0.28 4.72 10.63
N GLY A 20 0.98 4.25 9.60
CA GLY A 20 2.43 4.37 9.47
C GLY A 20 3.16 3.31 10.29
N THR A 21 2.52 2.14 10.45
CA THR A 21 2.83 1.17 11.49
C THR A 21 2.34 -0.23 11.08
N GLY A 22 2.08 -0.45 9.79
CA GLY A 22 1.47 -1.63 9.19
C GLY A 22 2.14 -1.96 7.87
N PRO A 23 1.70 -3.01 7.16
CA PRO A 23 2.50 -3.72 6.17
C PRO A 23 2.94 -2.78 5.05
N CYS A 24 1.98 -2.11 4.41
CA CYS A 24 2.25 -1.27 3.25
C CYS A 24 2.89 0.08 3.63
N ALA A 25 3.25 0.35 4.89
CA ALA A 25 3.39 1.70 5.41
C ALA A 25 4.33 2.64 4.65
N ASN A 26 5.52 2.17 4.28
CA ASN A 26 6.48 3.01 3.55
C ASN A 26 5.89 3.55 2.24
N CYS A 27 4.91 2.83 1.67
CA CYS A 27 4.25 3.17 0.43
C CYS A 27 3.37 4.42 0.56
N LEU A 28 3.23 5.05 1.72
CA LEU A 28 2.41 6.23 1.90
C LEU A 28 3.31 7.44 2.11
N ALA A 29 4.12 7.39 3.17
CA ALA A 29 4.77 8.54 3.77
C ALA A 29 5.99 9.01 3.00
N GLY A 30 6.45 8.24 2.01
CA GLY A 30 7.51 8.64 1.10
C GLY A 30 7.38 7.70 -0.07
N TYR A 31 6.41 7.96 -0.95
CA TYR A 31 6.06 6.97 -1.96
C TYR A 31 6.37 7.36 -3.42
N PRO A 32 7.58 7.83 -3.76
CA PRO A 32 7.86 8.23 -5.13
C PRO A 32 8.26 7.01 -5.98
N ALA A 33 8.35 5.81 -5.39
CA ALA A 33 8.50 4.55 -6.09
C ALA A 33 7.22 3.71 -6.08
N GLY A 34 6.21 4.10 -5.30
CA GLY A 34 5.08 3.24 -4.96
C GLY A 34 4.19 2.92 -6.16
N CYS A 35 4.01 3.87 -7.08
CA CYS A 35 3.23 3.66 -8.29
C CYS A 35 3.92 2.65 -9.20
N SER A 36 5.24 2.62 -9.16
CA SER A 36 6.10 1.76 -9.95
C SER A 36 6.25 0.39 -9.27
N ASN A 37 6.21 0.33 -7.93
CA ASN A 37 6.39 -0.88 -7.12
C ASN A 37 5.11 -1.68 -7.14
N SER A 38 5.00 -2.71 -7.99
CA SER A 38 3.78 -3.52 -8.16
C SER A 38 3.23 -4.08 -6.83
N ASP A 39 4.08 -4.27 -5.80
CA ASP A 39 3.68 -4.68 -4.45
C ASP A 39 2.74 -3.68 -3.82
N CYS A 40 2.94 -2.38 -4.07
CA CYS A 40 2.17 -1.27 -3.54
C CYS A 40 1.33 -0.56 -4.59
N THR A 41 1.52 -0.85 -5.87
CA THR A 41 0.79 -0.23 -6.95
C THR A 41 -0.72 -0.36 -6.75
N ALA A 42 -1.26 -1.57 -6.58
CA ALA A 42 -2.71 -1.79 -6.52
C ALA A 42 -3.30 -1.17 -5.26
N PHE A 43 -2.59 -1.24 -4.14
CA PHE A 43 -2.92 -0.52 -2.91
C PHE A 43 -3.03 0.96 -3.26
N LEU A 44 -1.94 1.59 -3.70
CA LEU A 44 -1.91 3.02 -3.92
C LEU A 44 -2.83 3.50 -5.05
N SER A 45 -3.07 2.68 -6.07
CA SER A 45 -4.11 2.85 -7.07
C SER A 45 -5.46 3.10 -6.38
N GLN A 46 -5.75 2.40 -5.29
CA GLN A 46 -6.98 2.57 -4.51
C GLN A 46 -6.90 3.69 -3.47
N CYS A 47 -5.74 3.91 -2.84
CA CYS A 47 -5.63 4.87 -1.74
C CYS A 47 -5.35 6.31 -2.21
N TYR A 48 -4.68 6.47 -3.36
CA TYR A 48 -4.21 7.73 -3.93
C TYR A 48 -4.77 8.00 -5.32
N GLY A 49 -5.28 6.99 -6.03
CA GLY A 49 -5.68 7.11 -7.43
C GLY A 49 -4.50 6.95 -8.40
N GLY A 50 -3.32 6.60 -7.89
CA GLY A 50 -2.10 6.46 -8.67
C GLY A 50 -1.50 7.83 -8.98
N CYS A 51 -0.36 8.12 -8.34
CA CYS A 51 0.34 9.40 -8.34
C CYS A 51 0.23 10.14 -9.67
N GLY A 1 6.11 -9.40 -1.03
CA GLY A 1 6.19 -8.37 0.01
C GLY A 1 5.17 -8.62 1.09
N GLU A 2 5.15 -7.77 2.11
CA GLU A 2 4.15 -7.79 3.15
C GLU A 2 2.83 -7.16 2.70
N CYS A 3 2.87 -6.20 1.75
CA CYS A 3 1.68 -5.45 1.36
C CYS A 3 0.68 -6.34 0.66
N GLU A 4 1.09 -7.05 -0.40
CA GLU A 4 0.17 -7.92 -1.14
C GLU A 4 -0.38 -9.01 -0.21
N GLN A 5 0.37 -9.48 0.79
CA GLN A 5 -0.10 -10.45 1.75
C GLN A 5 -1.13 -9.89 2.73
N CYS A 6 -1.21 -8.57 2.88
CA CYS A 6 -2.31 -7.92 3.58
C CYS A 6 -3.49 -7.83 2.63
N PHE A 7 -3.26 -7.33 1.41
CA PHE A 7 -4.27 -7.18 0.38
C PHE A 7 -4.99 -8.50 0.06
N SER A 8 -4.28 -9.64 0.10
CA SER A 8 -4.83 -10.95 -0.14
C SER A 8 -5.87 -11.34 0.92
N ASP A 9 -5.80 -10.74 2.11
CA ASP A 9 -6.83 -10.88 3.14
C ASP A 9 -7.86 -9.74 3.07
N GLY A 10 -8.20 -9.32 1.85
CA GLY A 10 -9.26 -8.34 1.59
C GLY A 10 -8.88 -6.93 2.03
N GLY A 11 -7.59 -6.62 2.11
CA GLY A 11 -7.11 -5.28 2.43
C GLY A 11 -7.51 -4.29 1.32
N ASP A 12 -7.67 -3.01 1.68
CA ASP A 12 -7.95 -1.94 0.72
C ASP A 12 -6.90 -0.84 0.74
N CYS A 13 -6.74 -0.24 1.91
CA CYS A 13 -5.71 0.70 2.26
C CYS A 13 -5.64 0.76 3.78
N THR A 14 -6.76 1.15 4.39
CA THR A 14 -6.83 1.48 5.80
C THR A 14 -6.38 0.29 6.64
N THR A 15 -6.88 -0.93 6.35
CA THR A 15 -6.58 -2.06 7.20
C THR A 15 -5.24 -2.74 6.82
N CYS A 16 -4.26 -1.95 6.36
CA CYS A 16 -2.90 -2.34 5.96
C CYS A 16 -1.95 -1.15 6.05
N PHE A 17 -2.42 0.05 6.45
CA PHE A 17 -1.55 1.18 6.71
C PHE A 17 -1.01 1.12 8.14
N ASN A 18 -1.81 0.59 9.09
CA ASN A 18 -1.52 0.46 10.52
C ASN A 18 -0.84 1.72 11.06
N ASN A 19 -1.48 2.84 10.76
CA ASN A 19 -1.02 4.21 10.83
C ASN A 19 0.50 4.42 10.72
N GLY A 20 1.11 3.91 9.65
CA GLY A 20 2.51 4.14 9.32
C GLY A 20 3.45 3.06 9.86
N THR A 21 2.91 1.99 10.42
CA THR A 21 3.63 0.87 11.03
C THR A 21 2.93 -0.43 10.62
N GLY A 22 2.70 -0.58 9.32
CA GLY A 22 1.94 -1.67 8.71
C GLY A 22 2.50 -2.04 7.35
N PRO A 23 1.90 -3.04 6.69
CA PRO A 23 2.50 -3.72 5.55
C PRO A 23 2.55 -2.86 4.28
N CYS A 24 1.57 -1.99 4.10
CA CYS A 24 1.71 -0.88 3.18
C CYS A 24 1.68 0.35 4.05
N ALA A 25 2.75 0.59 4.81
CA ALA A 25 2.98 1.86 5.48
C ALA A 25 3.97 2.68 4.68
N ASN A 26 5.13 2.08 4.40
CA ASN A 26 6.19 2.80 3.71
C ASN A 26 5.75 3.32 2.35
N CYS A 27 4.82 2.60 1.70
CA CYS A 27 4.25 2.98 0.41
C CYS A 27 3.39 4.24 0.47
N LEU A 28 3.18 4.89 1.63
CA LEU A 28 2.44 6.15 1.73
C LEU A 28 3.37 7.31 2.05
N ALA A 29 4.10 7.20 3.17
CA ALA A 29 4.62 8.37 3.87
C ALA A 29 5.75 9.07 3.12
N GLY A 30 6.31 8.42 2.10
CA GLY A 30 7.16 9.01 1.09
C GLY A 30 7.12 8.03 -0.05
N TYR A 31 6.23 8.25 -1.02
CA TYR A 31 5.89 7.27 -2.05
C TYR A 31 6.00 7.79 -3.49
N PRO A 32 7.11 8.41 -3.90
CA PRO A 32 7.16 9.01 -5.22
C PRO A 32 7.27 7.91 -6.29
N ALA A 33 7.95 6.83 -5.92
CA ALA A 33 8.21 5.63 -6.68
C ALA A 33 7.24 4.49 -6.32
N GLY A 34 6.26 4.70 -5.42
CA GLY A 34 5.41 3.61 -4.96
C GLY A 34 4.50 3.07 -6.06
N CYS A 35 4.15 3.89 -7.04
CA CYS A 35 3.43 3.51 -8.26
C CYS A 35 4.25 2.55 -9.14
N SER A 36 5.56 2.45 -8.89
CA SER A 36 6.51 1.56 -9.53
C SER A 36 6.85 0.37 -8.61
N ASN A 37 6.26 0.30 -7.41
CA ASN A 37 6.30 -0.90 -6.58
C ASN A 37 4.98 -1.61 -6.83
N SER A 38 4.90 -2.55 -7.79
CA SER A 38 3.67 -3.32 -8.04
C SER A 38 3.13 -3.95 -6.74
N ASP A 39 4.01 -4.31 -5.81
CA ASP A 39 3.67 -4.80 -4.47
C ASP A 39 2.73 -3.85 -3.71
N CYS A 40 2.86 -2.55 -3.97
CA CYS A 40 2.11 -1.45 -3.39
C CYS A 40 1.18 -0.77 -4.40
N THR A 41 1.19 -1.15 -5.67
CA THR A 41 0.54 -0.37 -6.72
C THR A 41 -0.97 -0.50 -6.66
N ALA A 42 -1.55 -1.70 -6.43
CA ALA A 42 -3.01 -1.80 -6.32
C ALA A 42 -3.48 -1.04 -5.09
N PHE A 43 -2.76 -1.22 -3.98
CA PHE A 43 -2.98 -0.48 -2.74
C PHE A 43 -3.03 1.01 -3.05
N LEU A 44 -2.00 1.59 -3.68
CA LEU A 44 -1.96 3.03 -3.89
C LEU A 44 -2.91 3.49 -4.99
N SER A 45 -3.18 2.68 -6.00
CA SER A 45 -4.21 2.93 -7.01
C SER A 45 -5.54 3.19 -6.31
N GLN A 46 -5.86 2.37 -5.30
CA GLN A 46 -7.07 2.50 -4.52
C GLN A 46 -6.94 3.68 -3.55
N CYS A 47 -5.89 3.73 -2.72
CA CYS A 47 -5.78 4.75 -1.68
C CYS A 47 -5.65 6.17 -2.22
N TYR A 48 -4.81 6.38 -3.23
CA TYR A 48 -4.45 7.68 -3.77
C TYR A 48 -5.12 7.92 -5.13
N GLY A 49 -4.94 6.98 -6.05
CA GLY A 49 -5.22 7.13 -7.48
C GLY A 49 -4.16 6.42 -8.31
N GLY A 50 -2.98 6.15 -7.72
CA GLY A 50 -1.90 5.37 -8.28
C GLY A 50 -0.96 6.28 -9.07
N CYS A 51 -0.35 7.21 -8.34
CA CYS A 51 0.33 8.43 -8.77
C CYS A 51 -0.73 9.51 -8.99
N GLY A 1 5.01 -10.54 -1.17
CA GLY A 1 5.24 -9.24 -0.55
C GLY A 1 4.22 -9.04 0.54
N GLU A 2 4.67 -8.53 1.68
CA GLU A 2 3.84 -8.26 2.85
C GLU A 2 2.59 -7.45 2.50
N CYS A 3 2.70 -6.48 1.59
CA CYS A 3 1.56 -5.72 1.13
C CYS A 3 0.58 -6.58 0.33
N GLU A 4 1.10 -7.35 -0.63
CA GLU A 4 0.31 -8.21 -1.50
C GLU A 4 -0.50 -9.20 -0.65
N GLN A 5 0.15 -9.77 0.37
CA GLN A 5 -0.47 -10.72 1.27
C GLN A 5 -1.60 -10.04 2.06
N CYS A 6 -1.35 -8.84 2.60
CA CYS A 6 -2.37 -8.06 3.31
C CYS A 6 -3.61 -7.84 2.45
N PHE A 7 -3.42 -7.62 1.14
CA PHE A 7 -4.50 -7.46 0.17
C PHE A 7 -5.31 -8.73 0.00
N SER A 8 -4.63 -9.89 -0.11
CA SER A 8 -5.28 -11.20 -0.12
C SER A 8 -6.18 -11.31 1.10
N ASP A 9 -5.70 -10.88 2.26
CA ASP A 9 -6.37 -10.96 3.55
C ASP A 9 -7.39 -9.83 3.74
N GLY A 10 -8.11 -9.46 2.67
CA GLY A 10 -9.21 -8.51 2.66
C GLY A 10 -8.79 -7.05 2.79
N GLY A 11 -7.51 -6.75 2.57
CA GLY A 11 -6.95 -5.41 2.70
C GLY A 11 -7.46 -4.46 1.62
N ASP A 12 -7.51 -3.16 1.94
CA ASP A 12 -7.73 -2.09 0.97
C ASP A 12 -6.57 -1.11 1.04
N CYS A 13 -6.58 -0.22 2.02
CA CYS A 13 -5.51 0.71 2.36
C CYS A 13 -5.51 0.88 3.87
N THR A 14 -6.64 1.36 4.39
CA THR A 14 -6.89 1.56 5.80
C THR A 14 -6.48 0.33 6.60
N THR A 15 -6.99 -0.85 6.26
CA THR A 15 -6.81 -2.00 7.14
C THR A 15 -5.50 -2.75 6.83
N CYS A 16 -4.45 -2.02 6.43
CA CYS A 16 -3.09 -2.48 6.11
C CYS A 16 -2.11 -1.31 6.29
N PHE A 17 -2.41 -0.36 7.20
CA PHE A 17 -1.57 0.79 7.51
C PHE A 17 -1.29 0.89 9.02
N ASN A 18 -2.14 0.45 9.93
CA ASN A 18 -1.87 0.48 11.40
C ASN A 18 -1.45 1.86 11.95
N ASN A 19 -1.66 2.95 11.21
CA ASN A 19 -1.11 4.28 11.46
C ASN A 19 0.42 4.33 11.50
N GLY A 20 1.01 4.00 10.34
CA GLY A 20 2.37 4.35 9.95
C GLY A 20 3.40 3.25 10.19
N THR A 21 2.95 2.02 10.50
CA THR A 21 3.76 0.89 10.94
C THR A 21 3.22 -0.44 10.36
N GLY A 22 2.29 -0.38 9.39
CA GLY A 22 1.72 -1.54 8.70
C GLY A 22 2.60 -2.04 7.55
N PRO A 23 2.13 -3.02 6.74
CA PRO A 23 2.90 -3.56 5.63
C PRO A 23 3.11 -2.53 4.52
N CYS A 24 2.03 -1.87 4.10
CA CYS A 24 2.05 -0.84 3.08
C CYS A 24 1.97 0.48 3.83
N ALA A 25 3.12 0.94 4.31
CA ALA A 25 3.21 2.09 5.20
C ALA A 25 4.06 3.18 4.59
N ASN A 26 5.30 2.85 4.32
CA ASN A 26 6.22 3.68 3.58
C ASN A 26 5.65 4.06 2.21
N CYS A 27 4.83 3.19 1.61
CA CYS A 27 4.09 3.47 0.38
C CYS A 27 3.08 4.60 0.54
N LEU A 28 2.92 5.26 1.69
CA LEU A 28 2.07 6.42 1.85
C LEU A 28 2.85 7.72 1.92
N ALA A 29 3.75 7.82 2.90
CA ALA A 29 4.45 9.07 3.16
C ALA A 29 5.55 9.25 2.12
N GLY A 30 6.65 8.54 2.26
CA GLY A 30 7.73 8.52 1.30
C GLY A 30 7.40 7.55 0.17
N TYR A 31 6.36 7.84 -0.62
CA TYR A 31 5.96 7.00 -1.75
C TYR A 31 6.15 7.63 -3.13
N PRO A 32 7.31 8.19 -3.48
CA PRO A 32 7.41 8.93 -4.73
C PRO A 32 7.63 7.97 -5.92
N ALA A 33 7.86 6.68 -5.63
CA ALA A 33 8.02 5.58 -6.56
C ALA A 33 6.98 4.47 -6.32
N GLY A 34 6.08 4.62 -5.34
CA GLY A 34 5.15 3.59 -4.94
C GLY A 34 4.24 3.13 -6.08
N CYS A 35 3.93 4.00 -7.04
CA CYS A 35 3.13 3.65 -8.23
C CYS A 35 3.86 2.65 -9.14
N SER A 36 5.19 2.62 -9.07
CA SER A 36 6.02 1.72 -9.84
C SER A 36 6.31 0.45 -9.04
N ASN A 37 6.25 0.50 -7.71
CA ASN A 37 6.53 -0.64 -6.85
C ASN A 37 5.30 -1.54 -6.85
N SER A 38 5.24 -2.54 -7.73
CA SER A 38 4.15 -3.47 -7.92
C SER A 38 3.53 -4.00 -6.61
N ASP A 39 4.35 -4.23 -5.58
CA ASP A 39 3.96 -4.65 -4.23
C ASP A 39 3.01 -3.64 -3.55
N CYS A 40 3.12 -2.35 -3.90
CA CYS A 40 2.35 -1.21 -3.43
C CYS A 40 1.47 -0.58 -4.53
N THR A 41 1.71 -0.88 -5.81
CA THR A 41 1.04 -0.25 -6.93
C THR A 41 -0.49 -0.34 -6.79
N ALA A 42 -1.07 -1.54 -6.73
CA ALA A 42 -2.52 -1.68 -6.68
C ALA A 42 -3.11 -1.09 -5.39
N PHE A 43 -2.41 -1.23 -4.27
CA PHE A 43 -2.76 -0.57 -3.02
C PHE A 43 -2.94 0.93 -3.26
N LEU A 44 -1.91 1.60 -3.79
CA LEU A 44 -1.97 3.04 -4.00
C LEU A 44 -2.89 3.46 -5.15
N SER A 45 -3.08 2.60 -6.14
CA SER A 45 -4.07 2.75 -7.20
C SER A 45 -5.47 2.96 -6.56
N GLN A 46 -5.77 2.22 -5.49
CA GLN A 46 -6.91 2.49 -4.64
C GLN A 46 -6.65 3.77 -3.82
N CYS A 47 -5.71 3.75 -2.86
CA CYS A 47 -5.58 4.77 -1.80
C CYS A 47 -5.22 6.19 -2.26
N TYR A 48 -4.76 6.37 -3.49
CA TYR A 48 -4.34 7.64 -4.06
C TYR A 48 -5.00 7.86 -5.42
N GLY A 49 -4.97 6.84 -6.27
CA GLY A 49 -5.21 6.97 -7.71
C GLY A 49 -3.96 6.58 -8.50
N GLY A 50 -2.92 6.05 -7.83
CA GLY A 50 -1.71 5.55 -8.44
C GLY A 50 -1.01 6.65 -9.23
N CYS A 51 -0.53 7.67 -8.53
CA CYS A 51 0.04 8.87 -9.14
C CYS A 51 -0.97 9.50 -10.10
N GLY A 1 4.71 -9.29 -2.00
CA GLY A 1 5.30 -8.91 -0.73
C GLY A 1 4.23 -8.71 0.34
N GLU A 2 4.58 -7.94 1.37
CA GLU A 2 3.77 -7.70 2.56
C GLU A 2 2.45 -7.01 2.20
N CYS A 3 2.47 -6.13 1.21
CA CYS A 3 1.30 -5.33 0.87
C CYS A 3 0.37 -6.16 -0.01
N GLU A 4 0.92 -6.95 -0.96
CA GLU A 4 0.20 -8.03 -1.62
C GLU A 4 -0.52 -8.88 -0.58
N GLN A 5 0.19 -9.37 0.44
CA GLN A 5 -0.35 -10.36 1.37
C GLN A 5 -1.41 -9.75 2.30
N CYS A 6 -1.35 -8.45 2.57
CA CYS A 6 -2.42 -7.78 3.30
C CYS A 6 -3.69 -7.81 2.46
N PHE A 7 -3.57 -7.53 1.16
CA PHE A 7 -4.69 -7.64 0.23
C PHE A 7 -5.17 -9.08 0.10
N SER A 8 -4.27 -10.07 0.08
CA SER A 8 -4.67 -11.48 0.11
C SER A 8 -5.55 -11.74 1.34
N ASP A 9 -5.18 -11.16 2.48
CA ASP A 9 -5.95 -11.29 3.71
C ASP A 9 -7.05 -10.24 3.81
N GLY A 10 -7.68 -9.90 2.68
CA GLY A 10 -8.91 -9.12 2.60
C GLY A 10 -8.79 -7.63 2.88
N GLY A 11 -7.59 -7.06 3.01
CA GLY A 11 -7.45 -5.66 3.38
C GLY A 11 -7.73 -4.68 2.23
N ASP A 12 -7.84 -3.39 2.54
CA ASP A 12 -8.15 -2.33 1.57
C ASP A 12 -7.01 -1.29 1.59
N CYS A 13 -7.17 -0.19 2.34
CA CYS A 13 -6.25 0.94 2.46
C CYS A 13 -6.13 1.36 3.93
N THR A 14 -7.21 1.29 4.70
CA THR A 14 -7.15 1.52 6.14
C THR A 14 -6.38 0.35 6.75
N THR A 15 -6.89 -0.86 6.57
CA THR A 15 -6.58 -2.02 7.39
C THR A 15 -5.29 -2.74 6.91
N CYS A 16 -4.32 -1.96 6.42
CA CYS A 16 -3.01 -2.36 5.93
C CYS A 16 -2.00 -1.22 6.16
N PHE A 17 -2.40 -0.14 6.85
CA PHE A 17 -1.54 1.00 7.12
C PHE A 17 -1.09 1.04 8.58
N ASN A 18 -1.89 0.51 9.51
CA ASN A 18 -1.68 0.53 10.97
C ASN A 18 -1.26 1.91 11.49
N ASN A 19 -1.79 2.96 10.89
CA ASN A 19 -1.36 4.35 10.96
C ASN A 19 0.15 4.58 10.96
N GLY A 20 0.83 4.00 9.97
CA GLY A 20 2.21 4.27 9.58
C GLY A 20 3.20 3.19 10.02
N THR A 21 2.72 2.07 10.54
CA THR A 21 3.51 0.96 11.06
C THR A 21 2.87 -0.37 10.60
N GLY A 22 2.41 -0.40 9.34
CA GLY A 22 1.65 -1.50 8.74
C GLY A 22 2.37 -2.04 7.50
N PRO A 23 1.84 -3.07 6.83
CA PRO A 23 2.52 -3.70 5.70
C PRO A 23 2.67 -2.71 4.54
N CYS A 24 1.58 -2.06 4.14
CA CYS A 24 1.63 -0.98 3.17
C CYS A 24 1.67 0.33 3.96
N ALA A 25 2.86 0.72 4.44
CA ALA A 25 3.06 1.94 5.21
C ALA A 25 4.07 2.88 4.57
N ASN A 26 5.28 2.38 4.25
CA ASN A 26 6.29 3.23 3.66
C ASN A 26 5.86 3.72 2.26
N CYS A 27 4.99 2.95 1.60
CA CYS A 27 4.32 3.34 0.36
C CYS A 27 3.36 4.54 0.54
N LEU A 28 3.21 5.16 1.71
CA LEU A 28 2.42 6.37 1.89
C LEU A 28 3.35 7.54 2.17
N ALA A 29 3.97 7.53 3.35
CA ALA A 29 4.73 8.65 3.90
C ALA A 29 6.06 8.89 3.17
N GLY A 30 6.41 8.07 2.18
CA GLY A 30 7.51 8.32 1.27
C GLY A 30 7.25 7.54 -0.01
N TYR A 31 6.32 7.99 -0.86
CA TYR A 31 5.95 7.19 -2.02
C TYR A 31 6.11 7.88 -3.39
N PRO A 32 7.24 8.51 -3.71
CA PRO A 32 7.35 9.23 -4.98
C PRO A 32 7.44 8.24 -6.15
N ALA A 33 7.92 7.04 -5.88
CA ALA A 33 8.10 5.94 -6.81
C ALA A 33 7.09 4.81 -6.60
N GLY A 34 6.16 4.93 -5.65
CA GLY A 34 5.35 3.79 -5.20
C GLY A 34 4.52 3.16 -6.31
N CYS A 35 4.12 3.93 -7.33
CA CYS A 35 3.48 3.42 -8.53
C CYS A 35 4.30 2.40 -9.33
N SER A 36 5.63 2.39 -9.19
CA SER A 36 6.48 1.42 -9.83
C SER A 36 6.74 0.21 -8.93
N ASN A 37 6.44 0.34 -7.63
CA ASN A 37 6.52 -0.77 -6.70
C ASN A 37 5.23 -1.57 -6.81
N SER A 38 5.17 -2.57 -7.69
CA SER A 38 3.97 -3.34 -7.96
C SER A 38 3.33 -3.91 -6.67
N ASP A 39 4.12 -4.29 -5.66
CA ASP A 39 3.63 -4.76 -4.36
C ASP A 39 2.73 -3.72 -3.67
N CYS A 40 3.02 -2.43 -3.88
CA CYS A 40 2.30 -1.30 -3.33
C CYS A 40 1.34 -0.70 -4.36
N THR A 41 1.53 -0.96 -5.65
CA THR A 41 0.81 -0.30 -6.72
C THR A 41 -0.70 -0.50 -6.58
N ALA A 42 -1.23 -1.72 -6.52
CA ALA A 42 -2.69 -1.91 -6.51
C ALA A 42 -3.32 -1.29 -5.26
N PHE A 43 -2.65 -1.35 -4.11
CA PHE A 43 -3.00 -0.61 -2.90
C PHE A 43 -3.06 0.89 -3.25
N LEU A 44 -1.94 1.49 -3.66
CA LEU A 44 -1.90 2.92 -3.92
C LEU A 44 -2.86 3.39 -5.01
N SER A 45 -3.11 2.57 -6.01
CA SER A 45 -4.13 2.74 -7.02
C SER A 45 -5.50 2.91 -6.36
N GLN A 46 -5.85 2.11 -5.34
CA GLN A 46 -7.04 2.33 -4.53
C GLN A 46 -6.90 3.59 -3.69
N CYS A 47 -5.83 3.77 -2.92
CA CYS A 47 -5.79 4.82 -1.90
C CYS A 47 -5.59 6.20 -2.54
N TYR A 48 -4.49 6.40 -3.26
CA TYR A 48 -4.14 7.64 -3.95
C TYR A 48 -4.84 7.75 -5.30
N GLY A 49 -4.64 6.77 -6.18
CA GLY A 49 -5.07 6.83 -7.57
C GLY A 49 -3.94 6.56 -8.56
N GLY A 50 -2.70 6.37 -8.09
CA GLY A 50 -1.54 6.17 -8.95
C GLY A 50 -0.97 7.53 -9.41
N CYS A 51 0.04 7.97 -8.65
CA CYS A 51 0.89 9.14 -8.81
C CYS A 51 1.21 9.52 -10.27
N GLY A 1 4.60 -8.93 -2.28
CA GLY A 1 5.29 -8.91 -0.99
C GLY A 1 4.27 -8.69 0.12
N GLU A 2 4.73 -8.16 1.26
CA GLU A 2 3.89 -8.05 2.45
C GLU A 2 2.62 -7.22 2.22
N CYS A 3 2.67 -6.21 1.35
CA CYS A 3 1.47 -5.42 1.08
C CYS A 3 0.48 -6.24 0.25
N GLU A 4 0.94 -6.95 -0.78
CA GLU A 4 0.11 -7.87 -1.56
C GLU A 4 -0.44 -8.99 -0.68
N GLN A 5 0.30 -9.42 0.36
CA GLN A 5 -0.16 -10.44 1.28
C GLN A 5 -1.24 -9.87 2.21
N CYS A 6 -1.14 -8.60 2.59
CA CYS A 6 -2.18 -7.91 3.32
C CYS A 6 -3.47 -7.86 2.48
N PHE A 7 -3.37 -7.58 1.17
CA PHE A 7 -4.49 -7.69 0.24
C PHE A 7 -5.01 -9.14 0.15
N SER A 8 -4.14 -10.15 0.16
CA SER A 8 -4.52 -11.56 0.29
C SER A 8 -5.09 -11.90 1.68
N ASP A 9 -5.20 -10.95 2.60
CA ASP A 9 -5.88 -11.09 3.89
C ASP A 9 -6.98 -10.02 4.00
N GLY A 10 -7.64 -9.75 2.86
CA GLY A 10 -8.78 -8.86 2.75
C GLY A 10 -8.46 -7.36 2.85
N GLY A 11 -7.18 -6.99 2.89
CA GLY A 11 -6.70 -5.63 3.04
C GLY A 11 -7.22 -4.68 1.97
N ASP A 12 -7.45 -3.41 2.32
CA ASP A 12 -7.89 -2.37 1.38
C ASP A 12 -6.87 -1.22 1.37
N CYS A 13 -7.08 -0.19 2.19
CA CYS A 13 -6.27 1.02 2.31
C CYS A 13 -6.16 1.39 3.77
N THR A 14 -7.29 1.49 4.45
CA THR A 14 -7.34 1.60 5.90
C THR A 14 -6.66 0.37 6.51
N THR A 15 -7.13 -0.85 6.22
CA THR A 15 -6.84 -1.97 7.12
C THR A 15 -5.52 -2.71 6.75
N CYS A 16 -4.51 -1.96 6.30
CA CYS A 16 -3.14 -2.36 5.93
C CYS A 16 -2.16 -1.17 6.00
N PHE A 17 -2.62 0.03 6.40
CA PHE A 17 -1.70 1.11 6.74
C PHE A 17 -1.30 1.04 8.21
N ASN A 18 -2.19 0.56 9.08
CA ASN A 18 -2.08 0.51 10.55
C ASN A 18 -1.79 1.87 11.20
N ASN A 19 -1.70 2.96 10.42
CA ASN A 19 -1.19 4.27 10.82
C ASN A 19 0.34 4.30 10.77
N GLY A 20 0.89 4.12 9.58
CA GLY A 20 2.32 4.23 9.30
C GLY A 20 3.12 3.03 9.79
N THR A 21 2.43 1.95 10.16
CA THR A 21 2.97 0.84 10.94
C THR A 21 2.53 -0.53 10.38
N GLY A 22 1.72 -0.54 9.31
CA GLY A 22 1.28 -1.74 8.61
C GLY A 22 2.24 -2.08 7.47
N PRO A 23 1.95 -3.13 6.68
CA PRO A 23 2.85 -3.59 5.64
C PRO A 23 2.90 -2.62 4.46
N CYS A 24 1.79 -1.95 4.13
CA CYS A 24 1.75 -0.90 3.11
C CYS A 24 1.84 0.43 3.84
N ALA A 25 3.02 0.80 4.35
CA ALA A 25 3.21 2.01 5.15
C ALA A 25 4.21 2.98 4.55
N ASN A 26 5.40 2.52 4.18
CA ASN A 26 6.35 3.43 3.52
C ASN A 26 5.82 3.83 2.14
N CYS A 27 4.97 2.98 1.53
CA CYS A 27 4.21 3.26 0.34
C CYS A 27 3.29 4.49 0.47
N LEU A 28 3.18 5.18 1.61
CA LEU A 28 2.40 6.40 1.75
C LEU A 28 3.25 7.65 1.80
N ALA A 29 4.11 7.76 2.82
CA ALA A 29 4.87 8.98 3.07
C ALA A 29 5.94 9.13 2.00
N GLY A 30 7.00 8.32 2.05
CA GLY A 30 8.02 8.32 1.04
C GLY A 30 7.58 7.41 -0.10
N TYR A 31 6.58 7.82 -0.88
CA TYR A 31 6.14 7.01 -2.00
C TYR A 31 6.26 7.69 -3.38
N PRO A 32 7.39 8.30 -3.73
CA PRO A 32 7.48 8.94 -5.03
C PRO A 32 7.67 7.86 -6.08
N ALA A 33 8.53 6.90 -5.77
CA ALA A 33 8.71 5.67 -6.52
C ALA A 33 7.69 4.61 -6.10
N GLY A 34 7.02 4.79 -4.96
CA GLY A 34 6.26 3.70 -4.35
C GLY A 34 5.03 3.35 -5.16
N CYS A 35 4.46 4.27 -5.94
CA CYS A 35 3.39 4.00 -6.89
C CYS A 35 3.81 3.13 -8.08
N SER A 36 5.11 2.99 -8.37
CA SER A 36 5.57 2.14 -9.45
C SER A 36 5.74 0.69 -8.98
N ASN A 37 5.85 0.48 -7.68
CA ASN A 37 6.21 -0.79 -7.04
C ASN A 37 4.97 -1.68 -7.03
N SER A 38 4.87 -2.72 -7.87
CA SER A 38 3.64 -3.52 -7.97
C SER A 38 3.23 -4.13 -6.62
N ASP A 39 4.16 -4.30 -5.68
CA ASP A 39 3.89 -4.73 -4.30
C ASP A 39 2.89 -3.79 -3.60
N CYS A 40 2.90 -2.51 -3.95
CA CYS A 40 2.11 -1.43 -3.38
C CYS A 40 1.12 -0.84 -4.39
N THR A 41 1.08 -1.31 -5.63
CA THR A 41 0.33 -0.67 -6.71
C THR A 41 -1.17 -0.82 -6.50
N ALA A 42 -1.68 -2.01 -6.24
CA ALA A 42 -3.13 -2.14 -6.11
C ALA A 42 -3.63 -1.37 -4.88
N PHE A 43 -2.80 -1.29 -3.83
CA PHE A 43 -3.00 -0.39 -2.72
C PHE A 43 -3.05 1.05 -3.25
N LEU A 44 -1.94 1.64 -3.70
CA LEU A 44 -1.89 3.06 -4.05
C LEU A 44 -2.83 3.48 -5.18
N SER A 45 -3.11 2.61 -6.14
CA SER A 45 -4.15 2.75 -7.16
C SER A 45 -5.50 3.11 -6.52
N GLN A 46 -5.85 2.40 -5.45
CA GLN A 46 -7.03 2.67 -4.65
C GLN A 46 -6.76 3.94 -3.81
N CYS A 47 -5.83 3.86 -2.86
CA CYS A 47 -5.72 4.85 -1.78
C CYS A 47 -5.36 6.25 -2.28
N TYR A 48 -4.50 6.37 -3.29
CA TYR A 48 -4.19 7.65 -3.93
C TYR A 48 -5.02 7.85 -5.19
N GLY A 49 -5.19 6.81 -6.00
CA GLY A 49 -5.46 6.92 -7.43
C GLY A 49 -4.27 6.43 -8.26
N GLY A 50 -3.10 6.24 -7.62
CA GLY A 50 -1.81 6.02 -8.25
C GLY A 50 -1.15 7.35 -8.62
N CYS A 51 0.12 7.52 -8.25
CA CYS A 51 0.98 8.59 -8.77
C CYS A 51 1.05 8.48 -10.29
N GLY A 1 5.00 -8.84 -2.28
CA GLY A 1 5.76 -8.45 -1.08
C GLY A 1 4.80 -8.28 0.08
N GLU A 2 5.04 -7.27 0.91
CA GLU A 2 4.28 -7.01 2.13
C GLU A 2 2.83 -6.61 1.81
N CYS A 3 2.63 -5.69 0.86
CA CYS A 3 1.31 -5.13 0.67
C CYS A 3 0.43 -6.06 -0.15
N GLU A 4 1.02 -6.80 -1.10
CA GLU A 4 0.32 -7.87 -1.79
C GLU A 4 -0.22 -8.88 -0.78
N GLN A 5 0.54 -9.19 0.28
CA GLN A 5 0.10 -10.09 1.34
C GLN A 5 -1.11 -9.50 2.06
N CYS A 6 -1.01 -8.23 2.46
CA CYS A 6 -2.08 -7.57 3.20
C CYS A 6 -3.37 -7.53 2.37
N PHE A 7 -3.27 -7.26 1.07
CA PHE A 7 -4.42 -7.33 0.16
C PHE A 7 -5.05 -8.72 0.13
N SER A 8 -4.23 -9.78 0.14
CA SER A 8 -4.74 -11.14 0.19
C SER A 8 -5.57 -11.38 1.47
N ASP A 9 -5.26 -10.70 2.58
CA ASP A 9 -6.07 -10.78 3.81
C ASP A 9 -7.30 -9.87 3.72
N GLY A 10 -7.90 -9.76 2.53
CA GLY A 10 -9.01 -8.86 2.24
C GLY A 10 -8.68 -7.39 2.58
N GLY A 11 -7.43 -6.97 2.52
CA GLY A 11 -7.03 -5.62 2.88
C GLY A 11 -7.54 -4.59 1.86
N ASP A 12 -7.69 -3.33 2.29
CA ASP A 12 -7.86 -2.18 1.40
C ASP A 12 -6.76 -1.16 1.65
N CYS A 13 -7.01 -0.13 2.47
CA CYS A 13 -6.11 0.99 2.68
C CYS A 13 -5.91 1.25 4.16
N THR A 14 -6.99 1.37 4.94
CA THR A 14 -6.92 1.56 6.38
C THR A 14 -6.27 0.33 7.01
N THR A 15 -6.81 -0.86 6.74
CA THR A 15 -6.49 -2.06 7.51
C THR A 15 -5.16 -2.71 7.04
N CYS A 16 -4.19 -1.89 6.62
CA CYS A 16 -2.90 -2.26 6.03
C CYS A 16 -1.94 -1.06 6.04
N PHE A 17 -2.45 0.18 6.09
CA PHE A 17 -1.66 1.31 6.59
C PHE A 17 -1.48 1.19 8.10
N ASN A 18 -2.54 0.79 8.79
CA ASN A 18 -2.61 0.54 10.23
C ASN A 18 -2.02 1.67 11.08
N ASN A 19 -2.28 2.89 10.66
CA ASN A 19 -1.66 4.12 11.11
C ASN A 19 -0.13 4.08 11.22
N GLY A 20 0.52 3.88 10.08
CA GLY A 20 1.95 4.19 9.90
C GLY A 20 2.86 3.05 10.35
N THR A 21 2.31 1.94 10.84
CA THR A 21 3.02 0.81 11.38
C THR A 21 2.56 -0.49 10.68
N GLY A 22 1.64 -0.41 9.70
CA GLY A 22 1.18 -1.55 8.91
C GLY A 22 2.19 -1.98 7.84
N PRO A 23 1.91 -3.08 7.12
CA PRO A 23 2.82 -3.61 6.11
C PRO A 23 3.00 -2.58 4.99
N CYS A 24 1.90 -1.95 4.53
CA CYS A 24 1.96 -0.89 3.55
C CYS A 24 1.83 0.45 4.27
N ALA A 25 2.72 0.73 5.22
CA ALA A 25 2.87 2.07 5.77
C ALA A 25 3.89 2.88 4.95
N ASN A 26 5.04 2.28 4.69
CA ASN A 26 6.10 2.97 3.96
C ASN A 26 5.65 3.41 2.57
N CYS A 27 4.66 2.72 1.99
CA CYS A 27 4.12 3.03 0.67
C CYS A 27 3.31 4.33 0.64
N LEU A 28 3.16 5.10 1.73
CA LEU A 28 2.41 6.34 1.73
C LEU A 28 3.33 7.55 1.80
N ALA A 29 4.22 7.56 2.79
CA ALA A 29 5.07 8.71 3.06
C ALA A 29 6.16 8.74 2.01
N GLY A 30 7.09 7.78 2.08
CA GLY A 30 8.12 7.58 1.07
C GLY A 30 7.58 6.73 -0.05
N TYR A 31 6.70 7.30 -0.89
CA TYR A 31 6.18 6.60 -2.06
C TYR A 31 6.36 7.36 -3.39
N PRO A 32 7.56 7.85 -3.73
CA PRO A 32 7.69 8.69 -4.91
C PRO A 32 7.71 7.85 -6.19
N ALA A 33 8.21 6.62 -6.05
CA ALA A 33 8.21 5.56 -7.04
C ALA A 33 7.05 4.59 -6.85
N GLY A 34 6.16 4.84 -5.86
CA GLY A 34 5.24 3.84 -5.34
C GLY A 34 4.39 3.17 -6.42
N CYS A 35 3.95 3.89 -7.45
CA CYS A 35 3.20 3.31 -8.56
C CYS A 35 3.96 2.22 -9.32
N SER A 36 5.29 2.21 -9.21
CA SER A 36 6.15 1.25 -9.86
C SER A 36 6.55 0.13 -8.89
N ASN A 37 6.34 0.30 -7.58
CA ASN A 37 6.49 -0.78 -6.62
C ASN A 37 5.24 -1.63 -6.75
N SER A 38 5.19 -2.54 -7.72
CA SER A 38 4.03 -3.36 -8.05
C SER A 38 3.43 -4.01 -6.78
N ASP A 39 4.25 -4.31 -5.76
CA ASP A 39 3.82 -4.80 -4.46
C ASP A 39 2.82 -3.87 -3.77
N CYS A 40 3.03 -2.56 -3.85
CA CYS A 40 2.22 -1.50 -3.26
C CYS A 40 1.37 -0.79 -4.30
N THR A 41 1.61 -0.98 -5.60
CA THR A 41 0.95 -0.26 -6.65
C THR A 41 -0.57 -0.39 -6.60
N ALA A 42 -1.13 -1.59 -6.44
CA ALA A 42 -2.59 -1.76 -6.48
C ALA A 42 -3.24 -1.13 -5.26
N PHE A 43 -2.63 -1.29 -4.08
CA PHE A 43 -3.00 -0.58 -2.87
C PHE A 43 -3.06 0.92 -3.18
N LEU A 44 -1.95 1.49 -3.64
CA LEU A 44 -1.90 2.92 -3.90
C LEU A 44 -2.85 3.35 -5.03
N SER A 45 -3.07 2.51 -6.04
CA SER A 45 -4.04 2.78 -7.09
C SER A 45 -5.47 2.84 -6.53
N GLN A 46 -5.71 2.38 -5.30
CA GLN A 46 -6.90 2.67 -4.53
C GLN A 46 -6.64 3.90 -3.65
N CYS A 47 -5.73 3.84 -2.68
CA CYS A 47 -5.59 4.87 -1.63
C CYS A 47 -5.23 6.26 -2.18
N TYR A 48 -4.44 6.32 -3.25
CA TYR A 48 -4.10 7.55 -3.98
C TYR A 48 -4.86 7.68 -5.29
N GLY A 49 -5.36 6.57 -5.84
CA GLY A 49 -5.78 6.51 -7.23
C GLY A 49 -4.62 6.06 -8.13
N GLY A 50 -3.38 6.25 -7.67
CA GLY A 50 -2.16 5.88 -8.36
C GLY A 50 -1.55 7.13 -8.96
N CYS A 51 -0.44 7.59 -8.36
CA CYS A 51 0.30 8.85 -8.42
C CYS A 51 0.32 9.60 -9.76
N GLY A 1 4.33 -9.48 -1.99
CA GLY A 1 5.05 -9.17 -0.74
C GLY A 1 4.06 -9.00 0.39
N GLU A 2 4.50 -8.36 1.48
CA GLU A 2 3.69 -8.16 2.68
C GLU A 2 2.41 -7.38 2.39
N CYS A 3 2.47 -6.42 1.44
CA CYS A 3 1.33 -5.58 1.12
C CYS A 3 0.38 -6.30 0.15
N GLU A 4 0.90 -7.09 -0.80
CA GLU A 4 0.07 -7.97 -1.62
C GLU A 4 -0.64 -9.00 -0.74
N GLN A 5 0.05 -9.57 0.27
CA GLN A 5 -0.54 -10.49 1.22
C GLN A 5 -1.67 -9.80 1.99
N CYS A 6 -1.46 -8.58 2.49
CA CYS A 6 -2.48 -7.84 3.22
C CYS A 6 -3.74 -7.67 2.36
N PHE A 7 -3.57 -7.26 1.10
CA PHE A 7 -4.67 -7.20 0.14
C PHE A 7 -5.38 -8.55 -0.01
N SER A 8 -4.59 -9.62 -0.14
CA SER A 8 -5.07 -10.98 -0.27
C SER A 8 -5.80 -11.48 0.98
N ASP A 9 -5.82 -10.72 2.09
CA ASP A 9 -6.64 -10.97 3.26
C ASP A 9 -7.76 -9.93 3.37
N GLY A 10 -8.32 -9.52 2.23
CA GLY A 10 -9.32 -8.47 2.15
C GLY A 10 -8.79 -7.14 2.67
N GLY A 11 -7.59 -6.78 2.26
CA GLY A 11 -7.03 -5.47 2.54
C GLY A 11 -7.76 -4.40 1.75
N ASP A 12 -7.78 -3.17 2.27
CA ASP A 12 -7.98 -1.98 1.45
C ASP A 12 -6.74 -1.12 1.69
N CYS A 13 -6.80 -0.15 2.59
CA CYS A 13 -5.75 0.79 2.91
C CYS A 13 -5.72 0.93 4.41
N THR A 14 -6.88 1.29 4.98
CA THR A 14 -7.03 1.54 6.39
C THR A 14 -7.06 0.23 7.19
N THR A 15 -7.31 -0.92 6.55
CA THR A 15 -7.04 -2.22 7.17
C THR A 15 -5.71 -2.79 6.63
N CYS A 16 -4.72 -1.93 6.36
CA CYS A 16 -3.37 -2.28 5.88
C CYS A 16 -2.39 -1.11 6.11
N PHE A 17 -2.65 -0.16 7.02
CA PHE A 17 -1.73 0.97 7.28
C PHE A 17 -1.18 0.96 8.72
N ASN A 18 -1.96 0.49 9.70
CA ASN A 18 -1.66 0.55 11.13
C ASN A 18 -1.31 1.97 11.60
N ASN A 19 -1.78 2.99 10.88
CA ASN A 19 -1.37 4.38 11.03
C ASN A 19 0.13 4.66 10.87
N GLY A 20 0.85 3.84 10.11
CA GLY A 20 2.20 4.09 9.67
C GLY A 20 3.22 3.04 10.13
N THR A 21 2.81 1.79 10.31
CA THR A 21 3.75 0.71 10.62
C THR A 21 3.32 -0.67 10.08
N GLY A 22 2.21 -0.73 9.33
CA GLY A 22 1.74 -1.95 8.68
C GLY A 22 2.61 -2.31 7.46
N PRO A 23 2.08 -3.16 6.56
CA PRO A 23 2.85 -3.69 5.44
C PRO A 23 3.12 -2.62 4.38
N CYS A 24 2.07 -2.00 3.84
CA CYS A 24 2.14 -0.87 2.93
C CYS A 24 2.15 0.41 3.77
N ALA A 25 3.28 0.79 4.37
CA ALA A 25 3.36 1.96 5.26
C ALA A 25 4.37 2.97 4.75
N ASN A 26 5.57 2.54 4.37
CA ASN A 26 6.52 3.46 3.75
C ASN A 26 6.05 3.85 2.35
N CYS A 27 5.15 3.04 1.77
CA CYS A 27 4.49 3.32 0.50
C CYS A 27 3.56 4.52 0.55
N LEU A 28 3.35 5.18 1.70
CA LEU A 28 2.42 6.31 1.84
C LEU A 28 3.14 7.63 1.90
N ALA A 29 4.03 7.79 2.88
CA ALA A 29 4.59 9.08 3.27
C ALA A 29 5.41 9.65 2.12
N GLY A 30 6.58 9.06 1.89
CA GLY A 30 7.45 9.45 0.81
C GLY A 30 7.27 8.47 -0.31
N TYR A 31 6.16 8.55 -1.04
CA TYR A 31 5.87 7.56 -2.08
C TYR A 31 5.91 8.06 -3.54
N PRO A 32 6.95 8.76 -4.00
CA PRO A 32 6.90 9.35 -5.34
C PRO A 32 7.20 8.31 -6.43
N ALA A 33 7.58 7.09 -6.03
CA ALA A 33 7.87 5.93 -6.86
C ALA A 33 6.97 4.75 -6.50
N GLY A 34 6.05 4.89 -5.54
CA GLY A 34 5.33 3.73 -5.02
C GLY A 34 4.46 3.04 -6.09
N CYS A 35 4.04 3.83 -7.07
CA CYS A 35 3.31 3.43 -8.27
C CYS A 35 4.10 2.45 -9.14
N SER A 36 5.40 2.34 -8.93
CA SER A 36 6.32 1.44 -9.61
C SER A 36 6.79 0.31 -8.68
N ASN A 37 6.53 0.40 -7.37
CA ASN A 37 6.73 -0.68 -6.42
C ASN A 37 5.55 -1.61 -6.60
N SER A 38 5.58 -2.61 -7.47
CA SER A 38 4.37 -3.39 -7.77
C SER A 38 3.72 -3.99 -6.53
N ASP A 39 4.49 -4.37 -5.50
CA ASP A 39 3.96 -4.84 -4.21
C ASP A 39 3.16 -3.77 -3.45
N CYS A 40 3.40 -2.47 -3.71
CA CYS A 40 2.62 -1.35 -3.17
C CYS A 40 1.70 -0.70 -4.20
N THR A 41 1.78 -1.08 -5.48
CA THR A 41 1.09 -0.40 -6.55
C THR A 41 -0.42 -0.64 -6.45
N ALA A 42 -0.86 -1.89 -6.25
CA ALA A 42 -2.29 -2.21 -6.23
C ALA A 42 -2.99 -1.49 -5.07
N PHE A 43 -2.29 -1.40 -3.94
CA PHE A 43 -2.68 -0.60 -2.79
C PHE A 43 -2.80 0.86 -3.24
N LEU A 44 -1.71 1.52 -3.64
CA LEU A 44 -1.76 2.96 -3.89
C LEU A 44 -2.70 3.37 -5.02
N SER A 45 -2.92 2.51 -5.99
CA SER A 45 -3.93 2.62 -7.05
C SER A 45 -5.30 2.96 -6.45
N GLN A 46 -5.61 2.34 -5.31
CA GLN A 46 -6.84 2.55 -4.55
C GLN A 46 -6.70 3.67 -3.51
N CYS A 47 -5.62 3.66 -2.73
CA CYS A 47 -5.43 4.54 -1.56
C CYS A 47 -5.12 5.99 -1.93
N TYR A 48 -4.70 6.23 -3.18
CA TYR A 48 -4.42 7.55 -3.74
C TYR A 48 -5.08 7.70 -5.09
N GLY A 49 -4.88 6.72 -5.97
CA GLY A 49 -5.08 6.87 -7.41
C GLY A 49 -3.91 6.29 -8.20
N GLY A 50 -2.80 5.95 -7.54
CA GLY A 50 -1.66 5.26 -8.13
C GLY A 50 -0.89 6.17 -9.07
N CYS A 51 -0.26 7.21 -8.52
CA CYS A 51 0.23 8.36 -9.24
C CYS A 51 -0.93 8.98 -9.99
N GLY A 1 4.85 -9.76 -1.63
CA GLY A 1 5.80 -9.06 -0.77
C GLY A 1 5.22 -8.98 0.61
N GLU A 2 4.83 -7.79 1.04
CA GLU A 2 4.17 -7.55 2.32
C GLU A 2 2.79 -6.96 2.05
N CYS A 3 2.70 -5.90 1.24
CA CYS A 3 1.43 -5.24 1.01
C CYS A 3 0.46 -6.22 0.33
N GLU A 4 0.96 -7.01 -0.63
CA GLU A 4 0.15 -8.02 -1.32
C GLU A 4 -0.35 -9.11 -0.38
N GLN A 5 0.36 -9.42 0.71
CA GLN A 5 -0.13 -10.37 1.71
C GLN A 5 -1.34 -9.76 2.41
N CYS A 6 -1.24 -8.49 2.79
CA CYS A 6 -2.30 -7.82 3.49
C CYS A 6 -3.54 -7.67 2.60
N PHE A 7 -3.34 -7.37 1.32
CA PHE A 7 -4.38 -7.43 0.32
C PHE A 7 -4.99 -8.82 0.25
N SER A 8 -4.16 -9.87 0.26
CA SER A 8 -4.61 -11.27 0.28
C SER A 8 -5.65 -11.45 1.40
N ASP A 9 -5.39 -10.92 2.60
CA ASP A 9 -6.26 -11.12 3.76
C ASP A 9 -7.30 -9.99 3.90
N GLY A 10 -7.82 -9.48 2.78
CA GLY A 10 -8.99 -8.60 2.73
C GLY A 10 -8.66 -7.11 2.68
N GLY A 11 -7.39 -6.73 2.48
CA GLY A 11 -6.95 -5.35 2.45
C GLY A 11 -7.70 -4.49 1.43
N ASP A 12 -7.94 -3.21 1.78
CA ASP A 12 -7.97 -2.10 0.81
C ASP A 12 -6.82 -1.17 1.24
N CYS A 13 -7.10 -0.11 2.04
CA CYS A 13 -6.12 0.89 2.44
C CYS A 13 -5.97 0.91 3.96
N THR A 14 -7.05 1.20 4.69
CA THR A 14 -6.96 1.41 6.12
C THR A 14 -6.60 0.11 6.83
N THR A 15 -7.11 -1.06 6.41
CA THR A 15 -6.81 -2.33 7.07
C THR A 15 -5.46 -2.90 6.56
N CYS A 16 -4.48 -2.04 6.27
CA CYS A 16 -3.08 -2.35 5.92
C CYS A 16 -2.18 -1.15 6.21
N PHE A 17 -2.69 0.07 6.34
CA PHE A 17 -1.83 1.17 6.74
C PHE A 17 -1.42 1.03 8.22
N ASN A 18 -2.29 0.44 9.06
CA ASN A 18 -2.17 0.36 10.53
C ASN A 18 -1.72 1.68 11.17
N ASN A 19 -2.05 2.80 10.51
CA ASN A 19 -1.53 4.12 10.82
C ASN A 19 0.00 4.18 10.87
N GLY A 20 0.66 3.89 9.74
CA GLY A 20 2.08 4.15 9.55
C GLY A 20 2.97 3.07 10.18
N THR A 21 2.43 1.88 10.43
CA THR A 21 3.17 0.74 10.97
C THR A 21 2.47 -0.57 10.56
N GLY A 22 1.93 -0.62 9.33
CA GLY A 22 1.37 -1.79 8.69
C GLY A 22 2.20 -2.10 7.44
N PRO A 23 1.90 -3.18 6.71
CA PRO A 23 2.82 -3.66 5.68
C PRO A 23 2.98 -2.59 4.60
N CYS A 24 1.87 -2.09 4.05
CA CYS A 24 1.88 -0.96 3.14
C CYS A 24 1.79 0.32 3.97
N ALA A 25 2.90 0.73 4.59
CA ALA A 25 3.00 2.00 5.31
C ALA A 25 4.04 2.93 4.70
N ASN A 26 5.23 2.42 4.42
CA ASN A 26 6.29 3.25 3.84
C ASN A 26 5.93 3.70 2.43
N CYS A 27 5.06 2.93 1.77
CA CYS A 27 4.44 3.20 0.48
C CYS A 27 3.60 4.47 0.47
N LEU A 28 3.41 5.19 1.60
CA LEU A 28 2.61 6.41 1.68
C LEU A 28 3.54 7.60 1.88
N ALA A 29 4.33 7.53 2.97
CA ALA A 29 5.01 8.68 3.53
C ALA A 29 6.03 9.25 2.54
N GLY A 30 6.88 8.35 2.02
CA GLY A 30 7.81 8.65 0.96
C GLY A 30 7.44 7.74 -0.20
N TYR A 31 6.40 8.10 -0.98
CA TYR A 31 6.00 7.25 -2.10
C TYR A 31 6.21 7.84 -3.50
N PRO A 32 7.38 8.39 -3.84
CA PRO A 32 7.58 8.92 -5.17
C PRO A 32 7.91 7.80 -6.18
N ALA A 33 8.11 6.56 -5.70
CA ALA A 33 8.38 5.38 -6.52
C ALA A 33 7.33 4.28 -6.29
N GLY A 34 6.33 4.48 -5.42
CA GLY A 34 5.42 3.42 -5.02
C GLY A 34 4.51 2.95 -6.16
N CYS A 35 4.14 3.84 -7.09
CA CYS A 35 3.39 3.47 -8.29
C CYS A 35 4.21 2.56 -9.20
N SER A 36 5.54 2.56 -9.10
CA SER A 36 6.39 1.65 -9.81
C SER A 36 6.48 0.29 -9.10
N ASN A 37 6.38 0.24 -7.77
CA ASN A 37 6.50 -0.98 -6.99
C ASN A 37 5.19 -1.74 -7.07
N SER A 38 5.08 -2.75 -7.94
CA SER A 38 3.85 -3.51 -8.12
C SER A 38 3.30 -4.06 -6.79
N ASP A 39 4.18 -4.30 -5.80
CA ASP A 39 3.83 -4.75 -4.44
C ASP A 39 2.89 -3.76 -3.75
N CYS A 40 3.10 -2.45 -3.93
CA CYS A 40 2.33 -1.37 -3.32
C CYS A 40 1.45 -0.63 -4.33
N THR A 41 1.66 -0.82 -5.63
CA THR A 41 0.96 -0.12 -6.69
C THR A 41 -0.56 -0.26 -6.55
N ALA A 42 -1.07 -1.47 -6.32
CA ALA A 42 -2.50 -1.71 -6.29
C ALA A 42 -3.12 -1.01 -5.09
N PHE A 43 -2.53 -1.18 -3.90
CA PHE A 43 -2.89 -0.45 -2.69
C PHE A 43 -2.96 1.04 -3.04
N LEU A 44 -1.86 1.61 -3.51
CA LEU A 44 -1.79 3.05 -3.72
C LEU A 44 -2.75 3.56 -4.80
N SER A 45 -3.10 2.73 -5.77
CA SER A 45 -4.19 2.97 -6.70
C SER A 45 -5.47 3.23 -5.91
N GLN A 46 -5.92 2.25 -5.11
CA GLN A 46 -7.07 2.36 -4.24
C GLN A 46 -6.98 3.56 -3.26
N CYS A 47 -5.79 3.92 -2.75
CA CYS A 47 -5.68 4.91 -1.67
C CYS A 47 -5.45 6.33 -2.17
N TYR A 48 -4.63 6.54 -3.20
CA TYR A 48 -4.23 7.86 -3.70
C TYR A 48 -4.87 8.19 -5.04
N GLY A 49 -5.08 7.18 -5.89
CA GLY A 49 -5.40 7.33 -7.29
C GLY A 49 -4.27 6.80 -8.19
N GLY A 50 -3.16 6.35 -7.60
CA GLY A 50 -2.17 5.54 -8.29
C GLY A 50 -1.20 6.37 -9.12
N CYS A 51 -0.68 7.47 -8.56
CA CYS A 51 0.03 8.54 -9.27
C CYS A 51 -0.93 9.34 -10.15
N GLY A 1 4.36 -9.41 -2.19
CA GLY A 1 5.08 -9.26 -0.91
C GLY A 1 4.12 -8.88 0.19
N GLU A 2 4.62 -8.33 1.29
CA GLU A 2 3.84 -7.99 2.48
C GLU A 2 2.65 -7.09 2.19
N CYS A 3 2.78 -6.17 1.23
CA CYS A 3 1.66 -5.29 0.92
C CYS A 3 0.58 -6.07 0.16
N GLU A 4 0.97 -6.86 -0.84
CA GLU A 4 0.05 -7.73 -1.57
C GLU A 4 -0.55 -8.82 -0.67
N GLN A 5 0.16 -9.25 0.37
CA GLN A 5 -0.30 -10.18 1.39
C GLN A 5 -1.48 -9.54 2.11
N CYS A 6 -1.29 -8.32 2.64
CA CYS A 6 -2.33 -7.61 3.36
C CYS A 6 -3.59 -7.48 2.49
N PHE A 7 -3.41 -7.13 1.22
CA PHE A 7 -4.47 -7.10 0.23
C PHE A 7 -5.16 -8.46 0.11
N SER A 8 -4.40 -9.55 0.00
CA SER A 8 -4.92 -10.92 -0.09
C SER A 8 -5.63 -11.36 1.20
N ASP A 9 -5.47 -10.63 2.30
CA ASP A 9 -6.19 -10.82 3.56
C ASP A 9 -7.25 -9.71 3.69
N GLY A 10 -7.85 -9.33 2.55
CA GLY A 10 -8.96 -8.40 2.44
C GLY A 10 -8.57 -6.93 2.54
N GLY A 11 -7.28 -6.61 2.50
CA GLY A 11 -6.77 -5.26 2.54
C GLY A 11 -7.39 -4.40 1.43
N ASP A 12 -7.70 -3.15 1.77
CA ASP A 12 -8.28 -2.11 0.93
C ASP A 12 -7.31 -0.94 0.80
N CYS A 13 -7.02 -0.26 1.91
CA CYS A 13 -5.77 0.35 2.32
C CYS A 13 -5.86 0.74 3.81
N THR A 14 -7.08 1.04 4.27
CA THR A 14 -7.40 1.43 5.63
C THR A 14 -7.12 0.29 6.62
N THR A 15 -7.55 -0.94 6.34
CA THR A 15 -7.31 -2.13 7.16
C THR A 15 -5.89 -2.72 6.92
N CYS A 16 -4.87 -1.88 6.73
CA CYS A 16 -3.48 -2.24 6.41
C CYS A 16 -2.58 -1.09 6.82
N PHE A 17 -2.94 0.19 6.66
CA PHE A 17 -1.99 1.27 7.00
C PHE A 17 -1.55 1.22 8.46
N ASN A 18 -2.46 0.88 9.38
CA ASN A 18 -2.21 0.77 10.82
C ASN A 18 -1.57 2.04 11.38
N ASN A 19 -1.94 3.18 10.81
CA ASN A 19 -1.41 4.48 11.12
C ASN A 19 0.12 4.66 10.94
N GLY A 20 0.78 3.76 10.22
CA GLY A 20 2.16 3.90 9.81
C GLY A 20 3.09 2.85 10.39
N THR A 21 2.55 1.71 10.80
CA THR A 21 3.32 0.57 11.27
C THR A 21 2.90 -0.72 10.54
N GLY A 22 1.94 -0.65 9.61
CA GLY A 22 1.48 -1.81 8.85
C GLY A 22 2.38 -2.11 7.64
N PRO A 23 2.01 -3.12 6.84
CA PRO A 23 2.91 -3.72 5.86
C PRO A 23 3.26 -2.77 4.70
N CYS A 24 2.26 -2.13 4.09
CA CYS A 24 2.47 -1.22 2.96
C CYS A 24 2.96 0.17 3.41
N ALA A 25 3.13 0.43 4.70
CA ALA A 25 3.16 1.79 5.26
C ALA A 25 4.21 2.70 4.64
N ASN A 26 5.42 2.22 4.34
CA ASN A 26 6.44 3.12 3.78
C ASN A 26 6.14 3.49 2.33
N CYS A 27 5.22 2.78 1.67
CA CYS A 27 4.69 3.13 0.35
C CYS A 27 3.77 4.37 0.42
N LEU A 28 3.66 5.07 1.56
CA LEU A 28 2.68 6.14 1.77
C LEU A 28 3.42 7.47 1.90
N ALA A 29 4.17 7.64 3.01
CA ALA A 29 4.63 8.94 3.50
C ALA A 29 5.33 9.75 2.42
N GLY A 30 6.25 9.14 1.69
CA GLY A 30 6.91 9.72 0.55
C GLY A 30 7.01 8.67 -0.53
N TYR A 31 6.05 8.65 -1.46
CA TYR A 31 5.87 7.50 -2.35
C TYR A 31 5.99 7.82 -3.84
N PRO A 32 7.05 8.50 -4.30
CA PRO A 32 7.14 8.92 -5.70
C PRO A 32 7.75 7.81 -6.57
N ALA A 33 7.96 6.61 -6.00
CA ALA A 33 8.22 5.37 -6.73
C ALA A 33 7.20 4.28 -6.39
N GLY A 34 6.41 4.44 -5.32
CA GLY A 34 5.53 3.37 -4.86
C GLY A 34 4.47 3.04 -5.91
N CYS A 35 4.09 4.02 -6.72
CA CYS A 35 3.21 3.92 -7.88
C CYS A 35 3.70 2.86 -8.89
N SER A 36 4.97 2.47 -8.84
CA SER A 36 5.63 1.61 -9.79
C SER A 36 6.20 0.34 -9.15
N ASN A 37 6.33 0.32 -7.82
CA ASN A 37 6.72 -0.86 -7.07
C ASN A 37 5.47 -1.71 -7.02
N SER A 38 5.30 -2.70 -7.91
CA SER A 38 4.02 -3.39 -8.07
C SER A 38 3.52 -4.01 -6.76
N ASP A 39 4.43 -4.36 -5.85
CA ASP A 39 4.11 -4.80 -4.49
C ASP A 39 3.19 -3.83 -3.76
N CYS A 40 3.38 -2.52 -3.98
CA CYS A 40 2.67 -1.42 -3.36
C CYS A 40 1.66 -0.79 -4.31
N THR A 41 1.90 -0.79 -5.62
CA THR A 41 1.09 -0.19 -6.66
C THR A 41 -0.40 -0.42 -6.44
N ALA A 42 -0.92 -1.65 -6.50
CA ALA A 42 -2.36 -1.88 -6.48
C ALA A 42 -3.01 -1.46 -5.15
N PHE A 43 -2.27 -1.49 -4.04
CA PHE A 43 -2.72 -0.86 -2.81
C PHE A 43 -2.85 0.64 -3.07
N LEU A 44 -1.77 1.29 -3.51
CA LEU A 44 -1.77 2.74 -3.69
C LEU A 44 -2.79 3.23 -4.72
N SER A 45 -3.06 2.44 -5.76
CA SER A 45 -4.05 2.65 -6.80
C SER A 45 -5.43 2.95 -6.22
N GLN A 46 -5.78 2.36 -5.06
CA GLN A 46 -7.00 2.66 -4.31
C GLN A 46 -6.74 3.57 -3.10
N CYS A 47 -5.63 3.40 -2.38
CA CYS A 47 -5.33 4.15 -1.17
C CYS A 47 -5.18 5.66 -1.45
N TYR A 48 -4.69 5.97 -2.64
CA TYR A 48 -4.36 7.29 -3.13
C TYR A 48 -5.09 7.50 -4.46
N GLY A 49 -4.74 6.70 -5.47
CA GLY A 49 -5.24 6.87 -6.83
C GLY A 49 -4.26 6.37 -7.90
N GLY A 50 -3.00 6.09 -7.53
CA GLY A 50 -1.94 5.75 -8.45
C GLY A 50 -1.33 7.02 -9.02
N CYS A 51 -0.22 7.48 -8.44
CA CYS A 51 0.57 8.60 -8.94
C CYS A 51 1.05 8.38 -10.37
N GLY A 1 4.60 -9.28 -2.17
CA GLY A 1 5.47 -8.84 -1.07
C GLY A 1 4.69 -8.71 0.22
N GLU A 2 5.20 -7.90 1.17
CA GLU A 2 4.54 -7.73 2.47
C GLU A 2 3.20 -7.00 2.34
N CYS A 3 3.14 -6.00 1.45
CA CYS A 3 1.92 -5.22 1.21
C CYS A 3 0.88 -6.15 0.56
N GLU A 4 1.25 -6.90 -0.47
CA GLU A 4 0.36 -7.86 -1.13
C GLU A 4 -0.17 -8.92 -0.15
N GLN A 5 0.60 -9.34 0.85
CA GLN A 5 0.13 -10.30 1.83
C GLN A 5 -0.94 -9.68 2.75
N CYS A 6 -1.00 -8.35 2.86
CA CYS A 6 -2.08 -7.66 3.55
C CYS A 6 -3.34 -7.70 2.69
N PHE A 7 -3.20 -7.32 1.41
CA PHE A 7 -4.29 -7.41 0.45
C PHE A 7 -4.86 -8.83 0.36
N SER A 8 -4.00 -9.84 0.50
CA SER A 8 -4.37 -11.24 0.53
C SER A 8 -5.37 -11.51 1.66
N ASP A 9 -5.32 -10.76 2.76
CA ASP A 9 -6.27 -10.93 3.85
C ASP A 9 -7.36 -9.85 3.83
N GLY A 10 -7.76 -9.45 2.62
CA GLY A 10 -8.98 -8.69 2.36
C GLY A 10 -8.91 -7.20 2.70
N GLY A 11 -7.73 -6.62 2.95
CA GLY A 11 -7.58 -5.19 3.15
C GLY A 11 -7.56 -4.42 1.84
N ASP A 12 -7.77 -3.10 1.92
CA ASP A 12 -7.76 -2.17 0.77
C ASP A 12 -6.69 -1.11 1.00
N CYS A 13 -6.95 -0.12 1.85
CA CYS A 13 -5.99 0.84 2.38
C CYS A 13 -6.31 1.14 3.84
N THR A 14 -7.58 1.02 4.24
CA THR A 14 -8.02 1.14 5.62
C THR A 14 -7.25 0.10 6.44
N THR A 15 -7.35 -1.18 6.07
CA THR A 15 -7.00 -2.28 6.93
C THR A 15 -5.57 -2.78 6.61
N CYS A 16 -4.65 -1.87 6.26
CA CYS A 16 -3.28 -2.20 5.84
C CYS A 16 -2.30 -1.02 6.01
N PHE A 17 -2.75 0.20 6.28
CA PHE A 17 -1.80 1.26 6.63
C PHE A 17 -1.42 1.19 8.11
N ASN A 18 -2.37 0.76 8.97
CA ASN A 18 -2.25 0.67 10.42
C ASN A 18 -1.70 1.95 11.05
N ASN A 19 -2.15 3.09 10.52
CA ASN A 19 -1.57 4.41 10.63
C ASN A 19 -0.05 4.44 10.75
N GLY A 20 0.64 3.89 9.74
CA GLY A 20 2.07 3.98 9.57
C GLY A 20 2.84 2.83 10.23
N THR A 21 2.16 1.82 10.77
CA THR A 21 2.74 0.64 11.39
C THR A 21 2.49 -0.60 10.51
N GLY A 22 1.70 -0.49 9.43
CA GLY A 22 1.27 -1.62 8.62
C GLY A 22 2.37 -2.12 7.67
N PRO A 23 2.11 -3.19 6.90
CA PRO A 23 3.07 -3.72 5.93
C PRO A 23 3.19 -2.76 4.75
N CYS A 24 2.04 -2.35 4.21
CA CYS A 24 1.88 -1.34 3.19
C CYS A 24 2.12 0.07 3.76
N ALA A 25 2.90 0.28 4.83
CA ALA A 25 3.05 1.61 5.43
C ALA A 25 4.10 2.45 4.71
N ASN A 26 5.26 1.89 4.39
CA ASN A 26 6.28 2.63 3.65
C ASN A 26 5.84 2.94 2.22
N CYS A 27 4.77 2.31 1.72
CA CYS A 27 4.15 2.69 0.46
C CYS A 27 3.60 4.14 0.47
N LEU A 28 3.49 4.84 1.62
CA LEU A 28 2.82 6.13 1.73
C LEU A 28 3.81 7.27 1.93
N ALA A 29 4.59 7.19 3.02
CA ALA A 29 5.26 8.35 3.60
C ALA A 29 6.25 8.96 2.59
N GLY A 30 7.16 8.13 2.10
CA GLY A 30 7.98 8.42 0.95
C GLY A 30 7.50 7.52 -0.17
N TYR A 31 6.61 8.02 -1.03
CA TYR A 31 6.16 7.22 -2.16
C TYR A 31 6.27 7.94 -3.52
N PRO A 32 7.41 8.55 -3.89
CA PRO A 32 7.45 9.32 -5.12
C PRO A 32 7.48 8.39 -6.34
N ALA A 33 7.87 7.13 -6.11
CA ALA A 33 7.99 6.06 -7.08
C ALA A 33 7.03 4.91 -6.81
N GLY A 34 6.16 4.98 -5.79
CA GLY A 34 5.45 3.79 -5.30
C GLY A 34 4.55 3.15 -6.35
N CYS A 35 4.04 3.89 -7.32
CA CYS A 35 3.26 3.35 -8.45
C CYS A 35 4.03 2.33 -9.28
N SER A 36 5.36 2.38 -9.29
CA SER A 36 6.19 1.41 -9.99
C SER A 36 6.33 0.10 -9.23
N ASN A 37 6.14 0.16 -7.92
CA ASN A 37 6.34 -0.93 -6.99
C ASN A 37 5.07 -1.75 -6.93
N SER A 38 4.88 -2.72 -7.83
CA SER A 38 3.64 -3.50 -7.97
C SER A 38 3.12 -4.05 -6.63
N ASP A 39 4.01 -4.35 -5.66
CA ASP A 39 3.62 -4.79 -4.31
C ASP A 39 2.79 -3.72 -3.57
N CYS A 40 3.10 -2.43 -3.80
CA CYS A 40 2.42 -1.24 -3.29
C CYS A 40 1.42 -0.68 -4.31
N THR A 41 1.55 -0.97 -5.60
CA THR A 41 0.83 -0.27 -6.64
C THR A 41 -0.67 -0.41 -6.49
N ALA A 42 -1.24 -1.62 -6.41
CA ALA A 42 -2.69 -1.77 -6.37
C ALA A 42 -3.28 -1.13 -5.12
N PHE A 43 -2.55 -1.17 -4.00
CA PHE A 43 -2.85 -0.45 -2.78
C PHE A 43 -2.91 1.05 -3.07
N LEU A 44 -1.87 1.65 -3.65
CA LEU A 44 -1.82 3.09 -3.87
C LEU A 44 -2.79 3.55 -4.96
N SER A 45 -3.02 2.74 -5.99
CA SER A 45 -4.07 2.84 -6.96
C SER A 45 -5.43 3.00 -6.25
N GLN A 46 -5.69 2.23 -5.19
CA GLN A 46 -6.90 2.39 -4.38
C GLN A 46 -6.82 3.62 -3.47
N CYS A 47 -5.71 3.82 -2.75
CA CYS A 47 -5.64 4.86 -1.74
C CYS A 47 -5.56 6.23 -2.42
N TYR A 48 -4.44 6.51 -3.09
CA TYR A 48 -4.16 7.80 -3.71
C TYR A 48 -4.85 7.97 -5.06
N GLY A 49 -5.06 6.87 -5.80
CA GLY A 49 -5.44 6.91 -7.20
C GLY A 49 -4.29 6.48 -8.12
N GLY A 50 -3.07 6.34 -7.59
CA GLY A 50 -1.89 5.98 -8.36
C GLY A 50 -1.25 7.19 -9.02
N CYS A 51 -0.49 7.95 -8.20
CA CYS A 51 0.41 9.06 -8.53
C CYS A 51 -0.32 10.32 -8.96
#